data_7YWK
#
_entry.id   7YWK
#
_cell.length_a   59.893
_cell.length_b   60.617
_cell.length_c   250.537
_cell.angle_alpha   90.000
_cell.angle_beta   90.000
_cell.angle_gamma   90.000
#
_symmetry.space_group_name_H-M   'P 21 21 21'
#
loop_
_entity.id
_entity.type
_entity.pdbx_description
1 polymer 'Tyrocidine synthase 1'
2 non-polymer 2-[BIS-(2-HYDROXY-ETHYL)-AMINO]-2-HYDROXYMETHYL-PROPANE-1,3-DIOL
3 non-polymer 'ADENOSINE MONOPHOSPHATE'
4 non-polymer 'CHLORIDE ION'
5 non-polymer 'SULFATE ION'
6 water water
#
_entity_poly.entity_id   1
_entity_poly.type   'polypeptide(L)'
_entity_poly.pdbx_seq_one_letter_code
;HHHHHHSGRSVANQANLIDNKRELEQHALVPYAQGKSIHQLFEEQAEAFPDRVAIVFENRRLSYQELNRKANQLARALLE
KGVQTDSIVGVMMEKSIENVIAILAVLKAGGAYVPIDIEYPRDRIQYILQDSQTKIVLTQKSVSQLVHDVGYSGEVVVLD
EEQLDARETANLHQPSKPTDLAYVIYTSGTTGKPKGTMLEHKGIANLQSFFQNSFGVTEQDRIGLFASMSFAASVSEMFM
ALLSGASLYILSKQTIHDFAAFEHYLSENELTIITLPPTYLTHLTPERITSLRIMITAGSASSAPLVNKWKDKLRYINAY
GLTETSCSATIWEAPSNQLSVQSVPIGKPIQNTHIYIVNEDLQLLPTGSEGELCIGGVGLARGYWNRPDLTAEKFVDNPF
VPGEKMYRTGDLAKWLTDGTIEFLGRI
;
_entity_poly.pdbx_strand_id   A,B
#
# COMPACT_ATOMS: atom_id res chain seq x y z
N HIS A 27 1.90 -5.23 43.90
CA HIS A 27 3.40 -5.25 43.92
C HIS A 27 3.94 -6.38 43.00
N ALA A 28 4.77 -6.01 42.01
CA ALA A 28 5.45 -6.93 41.05
C ALA A 28 6.29 -7.98 41.75
N LEU A 29 6.47 -9.12 41.11
CA LEU A 29 7.34 -10.19 41.63
C LEU A 29 8.74 -9.61 41.90
N VAL A 30 9.29 -8.86 40.93
CA VAL A 30 10.65 -8.29 41.04
C VAL A 30 10.44 -6.78 41.04
N PRO A 31 11.02 -6.06 42.01
CA PRO A 31 10.70 -4.65 42.12
C PRO A 31 11.11 -3.90 40.87
N TYR A 32 10.28 -2.91 40.51
CA TYR A 32 10.67 -1.91 39.51
C TYR A 32 9.91 -0.63 39.85
N ALA A 33 10.16 0.43 39.08
CA ALA A 33 9.52 1.73 39.33
C ALA A 33 8.09 1.67 38.79
N GLN A 34 7.24 0.95 39.51
CA GLN A 34 5.80 0.89 39.30
C GLN A 34 5.23 2.30 39.48
N GLY A 35 4.20 2.53 38.72
CA GLY A 35 3.45 3.77 38.78
C GLY A 35 4.15 4.89 38.08
N LYS A 36 5.23 4.65 37.34
CA LYS A 36 6.01 5.73 36.72
C LYS A 36 6.04 5.58 35.22
N SER A 37 5.94 6.72 34.56
N SER A 37 5.92 6.71 34.54
CA SER A 37 6.05 6.87 33.10
CA SER A 37 6.00 6.78 33.08
C SER A 37 7.52 6.93 32.70
C SER A 37 7.46 6.99 32.67
N ILE A 38 7.80 6.70 31.42
CA ILE A 38 9.16 6.81 30.89
C ILE A 38 9.69 8.21 31.21
N HIS A 39 8.97 9.27 30.84
CA HIS A 39 9.53 10.62 31.04
C HIS A 39 9.70 10.94 32.52
N GLN A 40 8.87 10.38 33.41
CA GLN A 40 9.11 10.59 34.86
C GLN A 40 10.44 9.95 35.27
N LEU A 41 10.73 8.76 34.75
CA LEU A 41 12.01 8.09 35.13
C LEU A 41 13.18 8.89 34.58
N PHE A 42 13.04 9.45 33.38
CA PHE A 42 14.09 10.33 32.79
C PHE A 42 14.24 11.59 33.63
N GLU A 43 13.12 12.19 34.04
CA GLU A 43 13.19 13.42 34.87
C GLU A 43 13.96 13.15 36.17
N GLU A 44 13.75 11.99 36.75
CA GLU A 44 14.48 11.64 38.00
C GLU A 44 15.98 11.57 37.73
N GLN A 45 16.38 10.95 36.61
CA GLN A 45 17.82 10.94 36.26
C GLN A 45 18.34 12.35 35.99
N ALA A 46 17.54 13.22 35.37
CA ALA A 46 18.02 14.59 35.11
C ALA A 46 18.16 15.36 36.44
N GLU A 47 17.30 15.06 37.43
CA GLU A 47 17.43 15.71 38.76
C GLU A 47 18.68 15.18 39.49
N ALA A 48 18.97 13.88 39.36
CA ALA A 48 20.09 13.30 40.14
C ALA A 48 21.43 13.62 39.48
N PHE A 49 21.47 13.63 38.15
CA PHE A 49 22.73 13.72 37.37
C PHE A 49 22.66 14.86 36.38
N PRO A 50 22.36 16.09 36.81
CA PRO A 50 22.07 17.16 35.88
C PRO A 50 23.25 17.45 34.95
N ASP A 51 24.45 17.41 35.47
CA ASP A 51 25.67 17.78 34.71
C ASP A 51 26.33 16.61 33.99
N ARG A 52 25.80 15.38 34.13
CA ARG A 52 26.42 14.27 33.34
C ARG A 52 26.01 14.40 31.89
N VAL A 53 26.80 13.86 31.02
CA VAL A 53 26.52 13.76 29.59
C VAL A 53 25.34 12.83 29.39
N ALA A 54 24.30 13.31 28.72
CA ALA A 54 23.12 12.48 28.33
C ALA A 54 23.32 11.92 26.93
N ILE A 55 23.63 12.76 25.96
CA ILE A 55 23.55 12.37 24.56
C ILE A 55 24.70 13.00 23.79
N VAL A 56 25.28 12.24 22.87
CA VAL A 56 26.39 12.66 22.01
C VAL A 56 26.03 12.34 20.57
N PHE A 57 26.25 13.30 19.68
CA PHE A 57 26.19 13.01 18.24
C PHE A 57 27.32 13.78 17.59
N GLU A 58 28.28 13.07 17.04
CA GLU A 58 29.43 13.71 16.37
C GLU A 58 30.02 14.70 17.38
N ASN A 59 30.20 15.96 17.00
CA ASN A 59 30.95 16.96 17.81
C ASN A 59 30.03 17.68 18.81
N ARG A 60 28.77 17.23 18.99
CA ARG A 60 27.81 17.90 19.90
C ARG A 60 27.40 16.95 21.01
N ARG A 61 27.16 17.51 22.17
CA ARG A 61 26.64 16.74 23.30
C ARG A 61 25.79 17.64 24.17
N LEU A 62 24.83 17.02 24.85
CA LEU A 62 23.99 17.68 25.88
C LEU A 62 24.09 16.94 27.20
N SER A 63 24.06 17.72 28.25
CA SER A 63 23.93 17.22 29.63
C SER A 63 22.49 16.74 29.84
N TYR A 64 22.27 16.00 30.91
CA TYR A 64 20.89 15.65 31.34
C TYR A 64 20.05 16.93 31.50
N GLN A 65 20.55 17.95 32.19
CA GLN A 65 19.78 19.18 32.44
C GLN A 65 19.46 19.86 31.12
N GLU A 66 20.40 19.94 30.23
CA GLU A 66 20.21 20.65 28.93
C GLU A 66 19.16 19.90 28.13
N LEU A 67 19.29 18.57 28.07
CA LEU A 67 18.36 17.73 27.30
C LEU A 67 16.95 17.89 27.90
N ASN A 68 16.84 17.75 29.21
CA ASN A 68 15.52 17.85 29.87
C ASN A 68 14.87 19.22 29.59
N ARG A 69 15.61 20.29 29.74
CA ARG A 69 15.08 21.66 29.51
C ARG A 69 14.57 21.78 28.08
N LYS A 70 15.35 21.36 27.10
CA LYS A 70 14.94 21.47 25.67
C LYS A 70 13.68 20.65 25.45
N ALA A 71 13.58 19.46 25.99
CA ALA A 71 12.41 18.62 25.79
C ALA A 71 11.18 19.30 26.46
N ASN A 72 11.35 19.91 27.61
CA ASN A 72 10.23 20.59 28.30
C ASN A 72 9.76 21.77 27.42
N GLN A 73 10.67 22.55 26.82
CA GLN A 73 10.26 23.72 25.97
C GLN A 73 9.44 23.20 24.81
N LEU A 74 9.90 22.12 24.20
CA LEU A 74 9.17 21.54 23.05
C LEU A 74 7.86 20.90 23.53
N ALA A 75 7.84 20.23 24.67
CA ALA A 75 6.62 19.60 25.17
C ALA A 75 5.52 20.65 25.38
N ARG A 76 5.88 21.83 25.85
CA ARG A 76 4.85 22.86 26.10
C ARG A 76 4.29 23.33 24.74
N ALA A 77 5.13 23.44 23.71
CA ALA A 77 4.67 23.78 22.33
C ALA A 77 3.73 22.67 21.84
N LEU A 78 4.07 21.40 22.02
CA LEU A 78 3.22 20.29 21.53
C LEU A 78 1.87 20.22 22.26
N LEU A 79 1.85 20.52 23.54
CA LEU A 79 0.61 20.57 24.37
C LEU A 79 -0.30 21.67 23.80
N GLU A 80 0.26 22.80 23.41
CA GLU A 80 -0.51 23.94 22.83
C GLU A 80 -1.07 23.51 21.46
N LYS A 81 -0.43 22.58 20.73
CA LYS A 81 -0.96 22.04 19.45
C LYS A 81 -1.99 20.91 19.62
N GLY A 82 -2.25 20.47 20.84
CA GLY A 82 -3.29 19.46 21.12
C GLY A 82 -2.78 18.07 21.48
N VAL A 83 -1.47 17.87 21.58
CA VAL A 83 -0.98 16.52 21.97
C VAL A 83 -1.51 16.20 23.37
N GLN A 84 -2.02 14.97 23.54
CA GLN A 84 -2.69 14.52 24.77
C GLN A 84 -2.57 12.99 24.87
N THR A 85 -3.14 12.38 25.91
CA THR A 85 -3.05 10.91 26.09
C THR A 85 -3.49 10.17 24.82
N ASP A 86 -2.67 9.21 24.39
CA ASP A 86 -2.89 8.29 23.24
C ASP A 86 -2.98 9.13 21.92
N SER A 87 -2.61 10.43 21.88
CA SER A 87 -2.26 11.12 20.60
C SER A 87 -1.09 10.38 19.93
N ILE A 88 -1.18 9.92 18.69
CA ILE A 88 -0.04 9.30 17.98
C ILE A 88 0.59 10.41 17.15
N VAL A 89 1.84 10.72 17.44
CA VAL A 89 2.62 11.82 16.87
C VAL A 89 3.67 11.20 15.96
N GLY A 90 3.58 11.45 14.68
CA GLY A 90 4.58 10.99 13.74
C GLY A 90 5.85 11.73 13.96
N VAL A 91 6.96 11.03 13.73
CA VAL A 91 8.32 11.61 13.76
C VAL A 91 9.05 11.21 12.47
N MET A 92 9.37 12.22 11.63
CA MET A 92 10.13 12.03 10.38
C MET A 92 11.41 12.83 10.49
N MET A 93 12.46 12.22 11.07
CA MET A 93 13.70 12.94 11.42
C MET A 93 14.87 12.03 11.20
N GLU A 94 16.02 12.63 10.98
CA GLU A 94 17.31 11.92 11.00
C GLU A 94 17.61 11.48 12.43
N LYS A 95 18.49 10.49 12.56
N LYS A 95 18.58 10.58 12.54
CA LYS A 95 19.07 10.09 13.85
CA LYS A 95 19.15 10.02 13.78
C LYS A 95 19.93 11.24 14.33
C LYS A 95 20.05 11.09 14.45
N SER A 96 19.53 11.78 15.47
CA SER A 96 20.13 13.03 15.94
C SER A 96 19.76 13.29 17.38
N ILE A 97 20.43 14.27 17.97
CA ILE A 97 20.05 14.74 19.33
C ILE A 97 18.64 15.30 19.25
N GLU A 98 18.31 15.98 18.15
CA GLU A 98 16.99 16.65 18.03
C GLU A 98 15.86 15.64 17.91
N ASN A 99 16.14 14.47 17.36
CA ASN A 99 15.17 13.36 17.32
C ASN A 99 14.87 12.89 18.75
N VAL A 100 15.92 12.77 19.58
CA VAL A 100 15.69 12.39 21.01
C VAL A 100 14.92 13.48 21.76
N ILE A 101 15.25 14.74 21.56
CA ILE A 101 14.44 15.83 22.14
C ILE A 101 12.97 15.70 21.76
N ALA A 102 12.70 15.45 20.49
CA ALA A 102 11.31 15.27 20.02
C ALA A 102 10.60 14.12 20.75
N ILE A 103 11.26 12.97 20.89
CA ILE A 103 10.66 11.80 21.54
C ILE A 103 10.32 12.16 22.99
N LEU A 104 11.29 12.72 23.71
CA LEU A 104 11.03 13.05 25.13
C LEU A 104 9.90 14.08 25.21
N ALA A 105 9.84 15.00 24.26
CA ALA A 105 8.80 16.06 24.35
C ALA A 105 7.42 15.47 24.14
N VAL A 106 7.31 14.54 23.19
CA VAL A 106 6.01 13.89 22.93
C VAL A 106 5.58 13.15 24.20
N LEU A 107 6.52 12.44 24.85
CA LEU A 107 6.14 11.67 26.07
C LEU A 107 5.72 12.63 27.20
N LYS A 108 6.46 13.72 27.39
CA LYS A 108 6.15 14.70 28.44
C LYS A 108 4.81 15.38 28.16
N ALA A 109 4.46 15.62 26.88
CA ALA A 109 3.15 16.22 26.59
C ALA A 109 2.03 15.23 26.86
N GLY A 110 2.34 13.95 27.06
CA GLY A 110 1.36 12.89 27.34
C GLY A 110 1.01 12.05 26.14
N GLY A 111 1.65 12.26 24.98
CA GLY A 111 1.32 11.49 23.77
C GLY A 111 2.22 10.29 23.58
N ALA A 112 2.13 9.74 22.41
CA ALA A 112 2.91 8.57 21.98
C ALA A 112 3.50 8.89 20.63
N TYR A 113 4.69 8.41 20.34
CA TYR A 113 5.30 8.72 19.03
C TYR A 113 5.34 7.50 18.14
N VAL A 114 5.33 7.75 16.85
CA VAL A 114 5.53 6.73 15.80
C VAL A 114 6.72 7.17 14.97
N PRO A 115 7.85 6.48 15.07
CA PRO A 115 9.00 6.83 14.26
C PRO A 115 8.80 6.27 12.85
N ILE A 116 8.92 7.15 11.86
CA ILE A 116 8.69 6.80 10.43
C ILE A 116 10.05 6.78 9.73
N ASP A 117 10.45 5.63 9.14
CA ASP A 117 11.79 5.52 8.50
C ASP A 117 11.80 6.40 7.23
N ILE A 118 12.55 7.48 7.29
CA ILE A 118 12.60 8.46 6.17
C ILE A 118 13.36 7.89 4.99
N GLU A 119 13.94 6.71 5.07
CA GLU A 119 14.59 6.11 3.87
C GLU A 119 13.62 5.17 3.19
N TYR A 120 12.46 4.90 3.75
CA TYR A 120 11.51 3.98 3.12
C TYR A 120 11.03 4.55 1.81
N PRO A 121 10.56 3.70 0.87
CA PRO A 121 9.89 4.23 -0.31
C PRO A 121 8.69 5.09 0.11
N ARG A 122 8.35 5.99 -0.80
CA ARG A 122 7.28 6.98 -0.56
C ARG A 122 5.97 6.25 -0.21
N ASP A 123 5.64 5.19 -0.93
CA ASP A 123 4.33 4.56 -0.78
C ASP A 123 4.27 3.92 0.62
N ARG A 124 5.39 3.42 1.18
CA ARG A 124 5.35 2.77 2.51
C ARG A 124 5.14 3.82 3.58
N ILE A 125 5.78 4.98 3.41
CA ILE A 125 5.57 6.09 4.35
C ILE A 125 4.10 6.52 4.27
N GLN A 126 3.58 6.63 3.05
CA GLN A 126 2.19 7.04 2.88
C GLN A 126 1.25 6.06 3.62
N TYR A 127 1.49 4.76 3.46
CA TYR A 127 0.62 3.75 4.08
C TYR A 127 0.71 3.86 5.60
N ILE A 128 1.91 4.08 6.13
CA ILE A 128 2.06 4.15 7.60
C ILE A 128 1.33 5.37 8.13
N LEU A 129 1.57 6.52 7.52
CA LEU A 129 0.90 7.72 8.03
C LEU A 129 -0.62 7.57 7.95
N GLN A 130 -1.14 7.02 6.87
CA GLN A 130 -2.58 6.82 6.70
C GLN A 130 -3.13 5.81 7.70
N ASP A 131 -2.42 4.69 7.86
CA ASP A 131 -2.86 3.65 8.82
C ASP A 131 -2.91 4.23 10.23
N SER A 132 -1.86 4.97 10.61
CA SER A 132 -1.71 5.50 11.98
C SER A 132 -2.76 6.54 12.31
N GLN A 133 -3.27 7.17 11.25
CA GLN A 133 -4.26 8.30 11.36
C GLN A 133 -3.65 9.49 12.12
N THR A 134 -2.33 9.59 12.21
CA THR A 134 -1.70 10.71 12.94
C THR A 134 -2.13 12.04 12.35
N LYS A 135 -2.43 12.97 13.24
CA LYS A 135 -2.78 14.36 12.87
C LYS A 135 -1.64 15.35 12.98
N ILE A 136 -0.48 14.93 13.49
CA ILE A 136 0.66 15.82 13.65
C ILE A 136 1.97 15.05 13.44
N VAL A 137 2.82 15.60 12.63
CA VAL A 137 4.14 15.04 12.25
C VAL A 137 5.20 16.06 12.62
N LEU A 138 6.21 15.61 13.37
CA LEU A 138 7.39 16.41 13.71
C LEU A 138 8.51 16.05 12.72
N THR A 139 9.15 17.06 12.14
CA THR A 139 10.18 16.85 11.12
C THR A 139 11.25 17.93 11.31
N GLN A 140 12.10 18.05 10.32
CA GLN A 140 13.17 19.04 10.29
C GLN A 140 13.29 19.56 8.87
N LYS A 141 14.01 20.67 8.74
CA LYS A 141 14.16 21.31 7.41
C LYS A 141 14.62 20.33 6.34
N SER A 142 15.60 19.49 6.66
CA SER A 142 16.22 18.59 5.64
C SER A 142 15.24 17.49 5.19
N VAL A 143 14.17 17.29 5.93
CA VAL A 143 13.16 16.21 5.65
C VAL A 143 11.85 16.83 5.17
N SER A 144 11.71 18.17 5.22
N SER A 144 11.71 18.16 5.23
CA SER A 144 10.45 18.84 4.82
CA SER A 144 10.44 18.84 4.81
C SER A 144 10.03 18.44 3.39
C SER A 144 10.03 18.42 3.39
N GLN A 145 10.98 18.37 2.47
CA GLN A 145 10.61 18.06 1.08
C GLN A 145 10.01 16.63 0.98
N LEU A 146 10.57 15.67 1.70
CA LEU A 146 9.99 14.31 1.75
C LEU A 146 8.59 14.37 2.36
N VAL A 147 8.36 15.12 3.43
CA VAL A 147 6.98 15.25 3.98
C VAL A 147 6.04 15.83 2.91
N HIS A 148 6.50 16.79 2.13
CA HIS A 148 5.65 17.35 1.03
C HIS A 148 5.37 16.29 -0.03
N ASP A 149 6.41 15.58 -0.46
CA ASP A 149 6.30 14.57 -1.55
C ASP A 149 5.42 13.40 -1.13
N VAL A 150 5.42 12.97 0.14
N VAL A 150 5.51 13.03 0.16
CA VAL A 150 4.45 11.92 0.51
CA VAL A 150 4.60 12.04 0.78
C VAL A 150 3.07 12.54 0.77
C VAL A 150 3.14 12.54 0.70
N GLY A 151 2.94 13.85 0.69
CA GLY A 151 1.60 14.45 0.54
C GLY A 151 0.87 14.58 1.85
N TYR A 152 1.55 14.47 2.98
CA TYR A 152 0.89 14.52 4.31
C TYR A 152 0.13 15.84 4.48
N SER A 153 -1.15 15.73 4.84
CA SER A 153 -2.08 16.87 4.91
C SER A 153 -2.43 17.24 6.35
N GLY A 154 -1.81 16.62 7.34
CA GLY A 154 -2.03 17.02 8.74
C GLY A 154 -1.07 18.15 9.15
N GLU A 155 -1.01 18.40 10.44
CA GLU A 155 -0.14 19.43 10.99
C GLU A 155 1.31 18.96 10.86
N VAL A 156 2.16 19.81 10.37
CA VAL A 156 3.62 19.54 10.25
C VAL A 156 4.39 20.53 11.10
N VAL A 157 5.18 20.06 12.04
CA VAL A 157 6.04 20.94 12.88
C VAL A 157 7.47 20.75 12.41
N VAL A 158 8.05 21.82 11.90
CA VAL A 158 9.47 21.81 11.44
C VAL A 158 10.27 22.29 12.63
N LEU A 159 10.84 21.33 13.36
CA LEU A 159 11.33 21.61 14.72
C LEU A 159 12.49 22.59 14.67
N ASP A 160 13.35 22.55 13.64
CA ASP A 160 14.49 23.49 13.53
C ASP A 160 14.06 24.82 12.89
N GLU A 161 12.73 25.08 12.78
CA GLU A 161 12.17 26.43 12.50
C GLU A 161 11.36 26.94 13.71
N GLU A 162 11.11 26.10 14.71
CA GLU A 162 10.22 26.42 15.86
C GLU A 162 11.01 27.33 16.80
N GLN A 163 10.35 28.36 17.35
CA GLN A 163 11.05 29.38 18.20
C GLN A 163 10.67 29.09 19.64
N LEU A 164 11.51 28.30 20.32
CA LEU A 164 11.16 27.69 21.63
C LEU A 164 11.93 28.31 22.80
N ASP A 165 12.87 29.24 22.55
CA ASP A 165 13.91 29.65 23.55
C ASP A 165 13.25 30.37 24.73
N ALA A 166 12.11 31.02 24.49
CA ALA A 166 11.38 31.80 25.51
C ALA A 166 10.51 30.89 26.37
N ARG A 167 10.25 29.65 25.96
CA ARG A 167 9.29 28.81 26.71
C ARG A 167 9.92 28.35 28.03
N GLU A 168 9.05 28.07 29.00
N GLU A 168 9.08 28.15 29.03
CA GLU A 168 9.39 27.57 30.36
CA GLU A 168 9.54 27.67 30.34
C GLU A 168 10.13 26.23 30.26
C GLU A 168 10.26 26.33 30.15
N THR A 169 11.20 26.08 31.06
CA THR A 169 12.09 24.89 31.02
C THR A 169 11.83 23.91 32.14
N ALA A 170 10.90 24.21 33.02
CA ALA A 170 10.54 23.29 34.11
C ALA A 170 9.79 22.08 33.57
N ASN A 171 9.85 20.97 34.30
CA ASN A 171 8.96 19.85 33.97
C ASN A 171 7.48 20.24 33.99
N LEU A 172 6.71 19.56 33.15
CA LEU A 172 5.27 19.82 32.93
C LEU A 172 4.45 19.12 33.97
N HIS A 173 4.82 17.93 34.42
CA HIS A 173 3.89 17.22 35.36
C HIS A 173 2.49 16.95 34.75
N GLN A 174 2.35 16.65 33.45
CA GLN A 174 1.02 16.27 32.87
C GLN A 174 0.56 14.97 33.51
N PRO A 175 -0.75 14.74 33.65
CA PRO A 175 -1.20 13.45 34.15
C PRO A 175 -0.74 12.32 33.22
N SER A 176 -0.39 11.19 33.81
CA SER A 176 0.13 10.04 33.03
C SER A 176 -0.04 8.81 33.86
N LYS A 177 -0.19 7.69 33.19
CA LYS A 177 -0.32 6.36 33.86
C LYS A 177 0.61 5.46 33.06
N PRO A 178 1.20 4.42 33.68
CA PRO A 178 2.14 3.55 32.94
C PRO A 178 1.47 2.73 31.84
N THR A 179 0.14 2.57 31.90
CA THR A 179 -0.65 1.88 30.85
C THR A 179 -1.01 2.85 29.69
N ASP A 180 -0.61 4.09 29.78
CA ASP A 180 -0.79 5.00 28.63
C ASP A 180 0.13 4.57 27.48
N LEU A 181 -0.28 4.79 26.24
N LEU A 181 -0.29 4.80 26.27
CA LEU A 181 0.63 4.55 25.09
CA LEU A 181 0.54 4.54 25.07
C LEU A 181 1.87 5.42 25.27
C LEU A 181 1.79 5.44 25.09
N ALA A 182 2.97 4.87 24.80
CA ALA A 182 4.25 5.58 24.75
C ALA A 182 4.75 5.64 23.30
N TYR A 183 4.67 4.54 22.55
CA TYR A 183 5.21 4.53 21.20
C TYR A 183 4.50 3.42 20.42
N VAL A 184 4.52 3.62 19.11
CA VAL A 184 3.94 2.69 18.13
C VAL A 184 5.06 2.39 17.12
N ILE A 185 5.39 1.11 16.94
CA ILE A 185 6.43 0.66 15.98
C ILE A 185 5.75 -0.06 14.82
N TYR A 186 6.08 0.37 13.62
CA TYR A 186 5.59 -0.30 12.40
C TYR A 186 6.63 -1.28 11.94
N THR A 187 6.08 -2.43 11.53
CA THR A 187 6.84 -3.51 10.94
C THR A 187 6.03 -4.13 9.79
N SER A 188 6.74 -4.60 8.78
CA SER A 188 6.15 -5.33 7.63
C SER A 188 6.71 -6.75 7.65
N GLY A 189 5.89 -7.76 7.36
CA GLY A 189 6.35 -9.15 7.14
C GLY A 189 6.92 -9.34 5.74
N THR A 190 7.40 -10.55 5.40
CA THR A 190 7.76 -10.94 4.01
C THR A 190 6.73 -10.34 3.07
N THR A 191 5.46 -10.65 3.29
CA THR A 191 4.28 -9.93 2.73
C THR A 191 3.43 -9.45 3.92
N GLY A 192 2.19 -9.02 3.64
CA GLY A 192 1.33 -8.38 4.64
C GLY A 192 1.62 -6.90 4.73
N LYS A 193 0.58 -6.12 4.99
CA LYS A 193 0.65 -4.65 5.12
C LYS A 193 1.43 -4.29 6.37
N PRO A 194 2.15 -3.15 6.37
CA PRO A 194 2.74 -2.66 7.61
C PRO A 194 1.66 -2.67 8.71
N LYS A 195 2.04 -3.01 9.92
CA LYS A 195 1.17 -2.93 11.10
C LYS A 195 1.89 -2.23 12.24
N GLY A 196 1.13 -1.55 13.06
CA GLY A 196 1.64 -0.77 14.19
C GLY A 196 1.50 -1.51 15.49
N THR A 197 2.58 -1.82 16.17
CA THR A 197 2.52 -2.42 17.52
C THR A 197 2.48 -1.30 18.56
N MET A 198 1.46 -1.34 19.41
CA MET A 198 1.21 -0.30 20.40
C MET A 198 1.89 -0.66 21.73
N LEU A 199 2.86 0.14 22.16
CA LEU A 199 3.59 -0.16 23.40
C LEU A 199 3.30 0.92 24.45
N GLU A 200 3.06 0.48 25.64
CA GLU A 200 2.80 1.30 26.82
C GLU A 200 4.13 1.60 27.55
N HIS A 201 4.08 2.51 28.52
CA HIS A 201 5.29 2.87 29.31
C HIS A 201 5.77 1.71 30.17
N LYS A 202 4.87 0.91 30.66
CA LYS A 202 5.20 -0.08 31.75
C LYS A 202 6.38 -0.98 31.32
N GLY A 203 6.44 -1.48 30.09
CA GLY A 203 7.53 -2.40 29.67
C GLY A 203 8.89 -1.76 29.79
N ILE A 204 8.99 -0.48 29.42
N ILE A 204 9.00 -0.48 29.41
CA ILE A 204 10.28 0.24 29.42
CA ILE A 204 10.31 0.23 29.45
C ILE A 204 10.64 0.55 30.89
C ILE A 204 10.65 0.50 30.92
N ALA A 205 9.66 0.79 31.75
CA ALA A 205 9.91 0.97 33.20
C ALA A 205 10.45 -0.31 33.78
N ASN A 206 9.88 -1.45 33.41
CA ASN A 206 10.44 -2.70 33.92
C ASN A 206 11.86 -2.91 33.38
N LEU A 207 12.13 -2.58 32.14
CA LEU A 207 13.46 -2.77 31.57
C LEU A 207 14.47 -1.94 32.33
N GLN A 208 14.12 -0.73 32.81
CA GLN A 208 15.11 0.07 33.59
C GLN A 208 15.63 -0.79 34.74
N SER A 209 14.72 -1.40 35.49
N SER A 209 14.76 -1.42 35.52
CA SER A 209 15.05 -2.27 36.62
CA SER A 209 15.25 -2.26 36.64
C SER A 209 15.85 -3.48 36.15
C SER A 209 15.94 -3.50 36.13
N PHE A 210 15.43 -4.11 35.07
CA PHE A 210 16.13 -5.28 34.53
C PHE A 210 17.59 -4.92 34.20
N PHE A 211 17.80 -3.82 33.47
CA PHE A 211 19.16 -3.47 33.03
C PHE A 211 20.00 -3.13 34.27
N GLN A 212 19.47 -2.44 35.29
CA GLN A 212 20.28 -2.10 36.49
C GLN A 212 20.62 -3.41 37.22
N ASN A 213 19.69 -4.32 37.38
CA ASN A 213 19.92 -5.55 38.15
C ASN A 213 20.83 -6.50 37.38
N SER A 214 20.57 -6.73 36.10
CA SER A 214 21.10 -7.88 35.35
C SER A 214 22.32 -7.49 34.55
N PHE A 215 22.38 -6.27 34.05
CA PHE A 215 23.55 -5.77 33.28
C PHE A 215 24.39 -4.80 34.12
N GLY A 216 23.96 -4.47 35.32
CA GLY A 216 24.71 -3.55 36.18
C GLY A 216 24.79 -2.16 35.63
N VAL A 217 23.83 -1.74 34.79
CA VAL A 217 23.96 -0.40 34.19
C VAL A 217 23.99 0.61 35.34
N THR A 218 24.86 1.62 35.20
CA THR A 218 24.93 2.78 36.06
C THR A 218 25.13 4.01 35.17
N GLU A 219 25.18 5.15 35.85
CA GLU A 219 25.41 6.43 35.18
C GLU A 219 26.79 6.54 34.55
N GLN A 220 27.73 5.68 34.97
CA GLN A 220 29.07 5.65 34.37
C GLN A 220 29.07 5.06 32.98
N ASP A 221 28.04 4.26 32.66
CA ASP A 221 28.08 3.58 31.36
C ASP A 221 27.98 4.56 30.18
N ARG A 222 28.55 4.15 29.06
CA ARG A 222 28.55 4.89 27.77
C ARG A 222 28.02 3.89 26.77
N ILE A 223 26.83 4.15 26.25
CA ILE A 223 26.01 3.17 25.50
C ILE A 223 25.90 3.63 24.06
N GLY A 224 26.23 2.80 23.09
CA GLY A 224 26.03 3.15 21.67
C GLY A 224 24.59 2.98 21.25
N LEU A 225 24.07 3.90 20.44
CA LEU A 225 22.76 3.73 19.79
C LEU A 225 23.07 3.22 18.39
N PHE A 226 22.79 1.96 18.15
CA PHE A 226 23.12 1.33 16.87
C PHE A 226 21.90 1.27 15.95
N ALA A 227 20.78 0.76 16.44
CA ALA A 227 19.60 0.50 15.60
C ALA A 227 19.00 1.79 15.04
N SER A 228 18.46 1.62 13.86
CA SER A 228 17.55 2.63 13.30
C SER A 228 16.44 3.00 14.29
N MET A 229 16.21 4.31 14.44
N MET A 229 16.03 4.28 14.26
CA MET A 229 15.32 4.94 15.45
CA MET A 229 15.00 4.80 15.17
C MET A 229 13.85 4.67 15.06
C MET A 229 13.63 4.22 14.85
N SER A 230 13.62 4.05 13.90
N SER A 230 13.41 3.59 13.70
CA SER A 230 12.34 3.40 13.49
CA SER A 230 12.08 2.98 13.44
C SER A 230 12.06 2.10 14.26
C SER A 230 12.02 1.52 13.89
N PHE A 231 13.10 1.43 14.71
N PHE A 231 13.13 0.99 14.42
CA PHE A 231 13.07 0.01 15.11
CA PHE A 231 13.14 -0.33 15.11
C PHE A 231 12.82 -0.05 16.63
C PHE A 231 12.84 -0.11 16.59
N ALA A 232 12.08 -1.04 17.13
CA ALA A 232 11.79 -1.11 18.57
C ALA A 232 13.13 -1.21 19.32
N ALA A 233 14.13 -1.93 18.79
CA ALA A 233 15.44 -2.09 19.48
C ALA A 233 16.03 -0.72 19.82
N SER A 234 15.85 0.27 18.97
N SER A 234 15.83 0.26 18.95
CA SER A 234 16.42 1.60 19.25
CA SER A 234 16.40 1.61 19.16
C SER A 234 15.81 2.19 20.52
C SER A 234 15.81 2.24 20.42
N VAL A 235 14.53 2.04 20.68
CA VAL A 235 13.82 2.56 21.86
C VAL A 235 14.45 1.94 23.08
N SER A 236 14.70 0.63 23.06
CA SER A 236 15.29 -0.08 24.20
C SER A 236 16.70 0.48 24.50
N GLU A 237 17.51 0.63 23.48
CA GLU A 237 18.89 1.10 23.60
C GLU A 237 18.90 2.51 24.19
N MET A 238 18.07 3.38 23.61
CA MET A 238 18.03 4.78 24.02
C MET A 238 17.72 4.83 25.54
N PHE A 239 16.65 4.11 25.97
CA PHE A 239 16.24 4.20 27.39
C PHE A 239 17.16 3.42 28.32
N MET A 240 17.92 2.43 27.79
CA MET A 240 18.95 1.72 28.60
C MET A 240 19.89 2.80 29.17
N ALA A 241 20.21 3.80 28.36
CA ALA A 241 21.10 4.91 28.80
C ALA A 241 20.33 5.94 29.62
N LEU A 242 19.23 6.47 29.04
CA LEU A 242 18.69 7.71 29.59
C LEU A 242 17.86 7.48 30.86
N LEU A 243 17.45 6.24 31.16
CA LEU A 243 16.75 5.99 32.42
C LEU A 243 17.70 5.49 33.49
N SER A 244 19.01 5.60 33.26
CA SER A 244 20.00 5.23 34.30
C SER A 244 21.06 6.31 34.51
N GLY A 245 20.95 7.44 33.83
CA GLY A 245 21.96 8.48 33.96
C GLY A 245 23.20 8.29 33.11
N ALA A 246 23.23 7.24 32.32
CA ALA A 246 24.33 6.95 31.42
C ALA A 246 24.29 7.87 30.21
N SER A 247 25.33 7.80 29.40
CA SER A 247 25.40 8.61 28.18
C SER A 247 25.09 7.72 26.99
N LEU A 248 24.39 8.32 26.03
CA LEU A 248 23.97 7.69 24.76
C LEU A 248 24.73 8.32 23.62
N TYR A 249 25.49 7.48 22.92
CA TYR A 249 26.31 7.94 21.77
C TYR A 249 25.57 7.46 20.53
N ILE A 250 25.04 8.42 19.80
CA ILE A 250 24.29 8.15 18.56
C ILE A 250 25.29 7.87 17.44
N LEU A 251 25.36 6.62 16.99
CA LEU A 251 26.36 6.27 15.99
C LEU A 251 25.86 6.74 14.61
N SER A 252 26.73 7.44 13.89
CA SER A 252 26.41 7.97 12.54
C SER A 252 26.37 6.86 11.49
N LYS A 253 25.71 7.14 10.37
CA LYS A 253 25.69 6.18 9.24
C LYS A 253 27.12 5.82 8.82
N GLN A 254 28.00 6.80 8.75
CA GLN A 254 29.37 6.61 8.21
C GLN A 254 30.11 5.69 9.20
N THR A 255 29.93 5.92 10.47
CA THR A 255 30.58 5.13 11.53
C THR A 255 30.14 3.66 11.45
N ILE A 256 28.84 3.41 11.28
CA ILE A 256 28.32 2.03 11.19
C ILE A 256 28.80 1.39 9.88
N HIS A 257 28.87 2.15 8.79
CA HIS A 257 29.17 1.60 7.44
C HIS A 257 30.60 1.02 7.40
N ASP A 258 31.52 1.59 8.14
CA ASP A 258 32.95 1.20 8.04
C ASP A 258 33.33 0.54 9.35
N PHE A 259 33.62 -0.76 9.32
CA PHE A 259 33.90 -1.55 10.54
C PHE A 259 35.08 -0.96 11.31
N ALA A 260 36.13 -0.53 10.63
CA ALA A 260 37.27 0.14 11.29
C ALA A 260 36.82 1.40 12.01
N ALA A 261 36.05 2.24 11.33
CA ALA A 261 35.55 3.49 11.95
C ALA A 261 34.70 3.17 13.19
N PHE A 262 33.94 2.10 13.10
CA PHE A 262 33.06 1.66 14.22
C PHE A 262 33.94 1.28 15.43
N GLU A 263 34.94 0.46 15.19
CA GLU A 263 35.88 0.05 16.26
C GLU A 263 36.57 1.28 16.86
N HIS A 264 37.05 2.16 16.00
CA HIS A 264 37.77 3.37 16.46
C HIS A 264 36.83 4.23 17.32
N TYR A 265 35.60 4.41 16.87
CA TYR A 265 34.64 5.27 17.59
C TYR A 265 34.39 4.67 18.98
N LEU A 266 34.07 3.38 19.03
CA LEU A 266 33.87 2.72 20.33
C LEU A 266 35.07 2.92 21.24
N SER A 267 36.27 2.70 20.69
CA SER A 267 37.52 2.77 21.49
C SER A 267 37.78 4.21 21.97
N GLU A 268 37.72 5.17 21.06
CA GLU A 268 38.10 6.56 21.38
C GLU A 268 37.14 7.10 22.44
N ASN A 269 35.87 6.73 22.35
CA ASN A 269 34.83 7.22 23.27
C ASN A 269 34.63 6.31 24.47
N GLU A 270 35.42 5.24 24.55
CA GLU A 270 35.36 4.33 25.72
C GLU A 270 33.93 3.85 25.94
N LEU A 271 33.27 3.44 24.87
CA LEU A 271 31.90 2.91 25.05
C LEU A 271 31.96 1.60 25.84
N THR A 272 30.99 1.40 26.71
CA THR A 272 30.95 0.27 27.64
C THR A 272 29.89 -0.77 27.29
N ILE A 273 28.84 -0.41 26.59
CA ILE A 273 27.77 -1.38 26.29
C ILE A 273 27.32 -1.12 24.86
N ILE A 274 27.03 -2.17 24.11
CA ILE A 274 26.36 -1.99 22.81
C ILE A 274 25.54 -3.23 22.56
N THR A 275 24.44 -3.09 21.84
CA THR A 275 23.59 -4.18 21.37
C THR A 275 23.72 -4.19 19.84
N LEU A 276 24.05 -5.32 19.25
CA LEU A 276 24.33 -5.47 17.81
C LEU A 276 23.61 -6.71 17.28
N PRO A 277 23.25 -6.69 16.01
CA PRO A 277 22.95 -7.94 15.33
C PRO A 277 24.22 -8.78 15.21
N PRO A 278 24.09 -10.10 15.39
CA PRO A 278 25.28 -10.98 15.28
C PRO A 278 25.92 -10.86 13.90
N THR A 279 25.13 -10.57 12.87
CA THR A 279 25.62 -10.38 11.49
C THR A 279 26.63 -9.24 11.41
N TYR A 280 26.47 -8.21 12.25
CA TYR A 280 27.43 -7.09 12.33
C TYR A 280 28.64 -7.47 13.17
N LEU A 281 28.38 -8.05 14.35
CA LEU A 281 29.47 -8.44 15.26
C LEU A 281 30.49 -9.34 14.54
N THR A 282 30.03 -10.19 13.65
CA THR A 282 30.85 -11.16 12.88
C THR A 282 32.03 -10.44 12.20
N HIS A 283 31.84 -9.17 11.82
CA HIS A 283 32.84 -8.39 11.06
C HIS A 283 33.86 -7.67 11.94
N LEU A 284 33.67 -7.67 13.25
CA LEU A 284 34.48 -6.88 14.18
C LEU A 284 35.63 -7.72 14.74
N THR A 285 36.65 -6.99 15.15
CA THR A 285 37.95 -7.49 15.61
C THR A 285 37.98 -7.21 17.11
N PRO A 286 37.90 -8.21 18.00
CA PRO A 286 37.92 -7.94 19.43
C PRO A 286 39.13 -7.11 19.87
N GLU A 287 40.31 -7.30 19.24
CA GLU A 287 41.57 -6.61 19.64
C GLU A 287 41.46 -5.11 19.35
N ARG A 288 40.48 -4.72 18.57
CA ARG A 288 40.28 -3.32 18.14
C ARG A 288 39.19 -2.63 18.96
N ILE A 289 38.55 -3.30 19.93
CA ILE A 289 37.55 -2.60 20.76
C ILE A 289 38.07 -2.62 22.22
N THR A 290 38.32 -1.44 22.78
CA THR A 290 39.14 -1.25 24.00
C THR A 290 38.29 -1.47 25.25
N SER A 291 37.06 -1.04 25.24
CA SER A 291 36.43 -0.60 26.51
C SER A 291 35.08 -1.30 26.76
N LEU A 292 34.57 -2.14 25.85
CA LEU A 292 33.21 -2.70 26.12
C LEU A 292 33.29 -3.59 27.34
N ARG A 293 32.30 -3.48 28.20
CA ARG A 293 32.16 -4.51 29.28
C ARG A 293 31.08 -5.53 28.96
N ILE A 294 30.10 -5.18 28.13
CA ILE A 294 29.02 -6.09 27.72
C ILE A 294 28.78 -5.91 26.23
N MET A 295 28.63 -7.02 25.55
CA MET A 295 28.17 -7.06 24.15
C MET A 295 26.87 -7.84 24.21
N ILE A 296 25.78 -7.24 23.78
CA ILE A 296 24.50 -7.95 23.64
C ILE A 296 24.26 -8.22 22.17
N THR A 297 23.88 -9.44 21.78
CA THR A 297 23.42 -9.64 20.41
C THR A 297 21.96 -9.92 20.44
N ALA A 298 21.23 -9.40 19.44
CA ALA A 298 19.75 -9.53 19.39
C ALA A 298 19.31 -9.61 17.92
N GLY A 299 18.11 -10.11 17.76
CA GLY A 299 17.37 -10.13 16.49
C GLY A 299 17.49 -11.45 15.76
N SER A 300 18.63 -12.15 15.89
CA SER A 300 18.86 -13.43 15.20
C SER A 300 19.91 -14.19 15.99
N ALA A 301 20.17 -15.42 15.60
CA ALA A 301 21.05 -16.29 16.38
C ALA A 301 22.52 -15.98 16.14
N SER A 302 23.32 -16.07 17.21
CA SER A 302 24.82 -16.05 17.19
C SER A 302 25.30 -17.50 17.11
N SER A 303 26.24 -17.77 16.21
CA SER A 303 26.88 -19.10 16.15
C SER A 303 27.67 -19.34 17.43
N ALA A 304 27.86 -20.61 17.77
CA ALA A 304 28.78 -20.94 18.87
C ALA A 304 30.19 -20.40 18.60
N PRO A 305 30.77 -20.51 17.38
CA PRO A 305 32.08 -19.91 17.21
C PRO A 305 32.13 -18.39 17.46
N LEU A 306 31.08 -17.67 17.10
CA LEU A 306 31.06 -16.22 17.34
C LEU A 306 31.04 -15.95 18.84
N VAL A 307 30.22 -16.68 19.58
CA VAL A 307 30.16 -16.55 21.06
C VAL A 307 31.51 -16.90 21.68
N ASN A 308 32.13 -17.97 21.25
CA ASN A 308 33.45 -18.37 21.80
C ASN A 308 34.54 -17.31 21.57
N LYS A 309 34.48 -16.60 20.46
CA LYS A 309 35.44 -15.53 20.12
C LYS A 309 35.30 -14.33 21.03
N TRP A 310 34.11 -14.09 21.58
CA TRP A 310 33.87 -12.88 22.37
C TRP A 310 33.69 -13.12 23.89
N LYS A 311 33.29 -14.32 24.31
CA LYS A 311 32.77 -14.53 25.67
C LYS A 311 33.85 -14.41 26.74
N ASP A 312 35.15 -14.47 26.40
CA ASP A 312 36.24 -14.34 27.40
C ASP A 312 36.82 -12.93 27.34
N LYS A 313 36.43 -12.14 26.35
CA LYS A 313 36.93 -10.76 26.20
C LYS A 313 36.01 -9.81 26.98
N LEU A 314 34.73 -10.13 27.06
CA LEU A 314 33.71 -9.28 27.72
C LEU A 314 32.55 -10.18 28.15
N ARG A 315 31.51 -9.59 28.73
CA ARG A 315 30.27 -10.32 29.04
C ARG A 315 29.39 -10.36 27.81
N TYR A 316 29.29 -11.56 27.25
CA TYR A 316 28.48 -11.83 26.03
C TYR A 316 27.09 -12.21 26.48
N ILE A 317 26.08 -11.47 26.00
CA ILE A 317 24.65 -11.74 26.30
C ILE A 317 23.88 -11.97 25.02
N ASN A 318 23.22 -13.11 24.93
CA ASN A 318 22.25 -13.40 23.86
C ASN A 318 20.89 -12.98 24.36
N ALA A 319 20.26 -12.03 23.66
CA ALA A 319 18.95 -11.49 24.05
C ALA A 319 17.95 -11.86 22.99
N TYR A 320 16.85 -12.45 23.44
CA TYR A 320 15.71 -12.81 22.57
C TYR A 320 14.50 -11.99 22.99
N GLY A 321 13.93 -11.30 22.01
CA GLY A 321 12.74 -10.49 22.33
C GLY A 321 12.16 -9.99 21.03
N LEU A 322 10.99 -9.40 21.15
CA LEU A 322 10.18 -9.03 19.99
C LEU A 322 9.66 -7.60 20.13
N THR A 323 9.33 -7.01 18.97
CA THR A 323 8.62 -5.72 19.01
C THR A 323 7.40 -5.79 19.93
N GLU A 324 6.65 -6.88 19.84
CA GLU A 324 5.40 -7.06 20.59
C GLU A 324 5.60 -7.27 22.10
N THR A 325 6.85 -7.39 22.57
CA THR A 325 7.17 -7.66 23.99
C THR A 325 8.16 -6.63 24.51
N SER A 326 8.12 -5.40 24.00
CA SER A 326 9.03 -4.33 24.50
C SER A 326 10.49 -4.79 24.32
N CYS A 327 10.73 -5.56 23.25
N CYS A 327 10.82 -5.44 23.18
CA CYS A 327 12.06 -5.89 22.69
CA CYS A 327 12.13 -6.10 22.91
C CYS A 327 12.77 -6.92 23.52
C CYS A 327 12.32 -7.23 23.95
N SER A 328 12.11 -7.42 24.56
N SER A 328 13.26 -7.09 24.87
CA SER A 328 12.79 -8.25 25.57
CA SER A 328 13.74 -8.17 25.78
C SER A 328 11.88 -9.45 25.89
C SER A 328 12.63 -9.06 26.39
N ALA A 329 12.48 -10.56 26.28
N ALA A 329 12.75 -10.38 26.20
CA ALA A 329 11.78 -11.79 26.72
CA ALA A 329 11.95 -11.45 26.86
C ALA A 329 12.75 -12.64 27.55
C ALA A 329 12.82 -12.48 27.58
N THR A 330 13.84 -13.06 26.93
CA THR A 330 14.81 -13.93 27.62
C THR A 330 16.21 -13.40 27.38
N ILE A 331 17.10 -13.75 28.28
CA ILE A 331 18.55 -13.57 28.03
C ILE A 331 19.29 -14.84 28.45
N TRP A 332 20.45 -15.00 27.82
CA TRP A 332 21.49 -15.96 28.21
C TRP A 332 22.81 -15.23 28.20
N GLU A 333 23.32 -14.97 29.37
CA GLU A 333 24.70 -14.47 29.50
C GLU A 333 25.63 -15.70 29.46
N ALA A 334 26.61 -15.69 28.61
CA ALA A 334 27.55 -16.82 28.56
C ALA A 334 28.23 -16.93 29.90
N PRO A 335 28.11 -18.08 30.61
CA PRO A 335 28.72 -18.23 31.91
C PRO A 335 30.22 -17.90 31.87
N SER A 336 30.67 -17.10 32.84
CA SER A 336 32.04 -16.52 32.82
C SER A 336 33.07 -17.63 33.09
N ASN A 337 34.24 -17.50 32.46
CA ASN A 337 35.42 -18.34 32.83
C ASN A 337 35.10 -19.83 32.58
N GLN A 338 34.48 -20.17 31.44
CA GLN A 338 34.15 -21.56 31.07
C GLN A 338 34.81 -21.91 29.75
N LEU A 339 34.93 -23.24 29.55
CA LEU A 339 35.41 -23.73 28.25
C LEU A 339 34.44 -23.31 27.14
N SER A 340 34.84 -23.57 25.92
N SER A 340 34.84 -23.55 25.91
CA SER A 340 34.04 -23.25 24.73
CA SER A 340 34.08 -23.22 24.69
C SER A 340 32.63 -23.82 24.91
C SER A 340 32.70 -23.87 24.75
N VAL A 341 31.69 -23.16 24.26
CA VAL A 341 30.32 -23.70 24.13
C VAL A 341 30.15 -24.31 22.74
N GLN A 342 29.23 -25.26 22.60
N GLN A 342 29.19 -25.24 22.68
CA GLN A 342 28.91 -25.83 21.27
CA GLN A 342 28.83 -26.00 21.48
C GLN A 342 27.47 -25.52 20.89
C GLN A 342 27.54 -25.44 20.88
N SER A 343 26.78 -24.70 21.68
CA SER A 343 25.47 -24.17 21.32
C SER A 343 25.16 -22.98 22.23
N VAL A 344 24.19 -22.20 21.77
CA VAL A 344 23.95 -20.82 22.28
C VAL A 344 22.46 -20.71 22.62
N PRO A 345 22.05 -21.04 23.85
CA PRO A 345 20.65 -20.93 24.26
C PRO A 345 20.21 -19.46 24.18
N ILE A 346 18.89 -19.28 24.13
CA ILE A 346 18.29 -17.97 24.41
C ILE A 346 18.00 -17.74 25.90
N GLY A 347 18.22 -18.71 26.75
CA GLY A 347 18.27 -18.49 28.19
C GLY A 347 16.93 -18.66 28.90
N LYS A 348 16.62 -17.68 29.73
CA LYS A 348 15.53 -17.75 30.71
C LYS A 348 14.77 -16.43 30.65
N PRO A 349 13.47 -16.45 31.01
CA PRO A 349 12.65 -15.22 30.99
C PRO A 349 13.26 -14.19 31.95
N ILE A 350 13.19 -12.95 31.54
CA ILE A 350 13.63 -11.81 32.39
C ILE A 350 12.56 -11.46 33.43
N GLN A 351 12.96 -10.64 34.37
CA GLN A 351 12.12 -10.24 35.52
C GLN A 351 10.75 -9.79 35.02
N ASN A 352 9.70 -10.24 35.74
CA ASN A 352 8.30 -9.80 35.54
C ASN A 352 7.77 -10.18 34.15
N THR A 353 8.40 -11.15 33.51
CA THR A 353 7.89 -11.73 32.27
C THR A 353 7.70 -13.22 32.42
N HIS A 354 6.80 -13.77 31.63
CA HIS A 354 6.52 -15.22 31.63
C HIS A 354 6.77 -15.74 30.22
N ILE A 355 7.19 -16.97 30.12
N ILE A 355 7.37 -16.93 30.12
CA ILE A 355 7.30 -17.59 28.79
CA ILE A 355 7.57 -17.73 28.87
C ILE A 355 6.95 -19.06 28.92
C ILE A 355 6.83 -19.04 29.01
N TYR A 356 6.23 -19.51 27.92
CA TYR A 356 5.65 -20.87 27.87
C TYR A 356 6.07 -21.48 26.55
N ILE A 357 6.27 -22.79 26.57
CA ILE A 357 6.50 -23.57 25.33
C ILE A 357 5.33 -24.53 25.21
N VAL A 358 4.51 -24.34 24.19
CA VAL A 358 3.20 -25.03 24.09
C VAL A 358 3.01 -25.67 22.72
N ASN A 359 2.07 -26.60 22.70
CA ASN A 359 1.63 -27.17 21.40
C ASN A 359 0.55 -26.26 20.76
N GLU A 360 -0.02 -26.73 19.66
CA GLU A 360 -1.06 -26.00 18.91
C GLU A 360 -2.32 -25.77 19.76
N ASP A 361 -2.57 -26.58 20.80
CA ASP A 361 -3.71 -26.47 21.71
C ASP A 361 -3.32 -25.66 22.96
N LEU A 362 -2.16 -25.01 22.95
CA LEU A 362 -1.68 -24.20 24.12
C LEU A 362 -1.50 -25.05 25.37
N GLN A 363 -1.11 -26.30 25.19
CA GLN A 363 -0.80 -27.20 26.32
C GLN A 363 0.71 -27.13 26.54
N LEU A 364 1.13 -27.09 27.80
CA LEU A 364 2.57 -26.96 28.17
C LEU A 364 3.32 -28.24 27.85
N LEU A 365 4.54 -28.07 27.36
CA LEU A 365 5.38 -29.19 26.94
C LEU A 365 6.51 -29.44 27.93
N PRO A 366 6.85 -30.73 28.11
CA PRO A 366 7.97 -31.08 28.96
C PRO A 366 9.31 -30.85 28.28
N THR A 367 10.36 -30.98 29.09
CA THR A 367 11.73 -30.82 28.59
C THR A 367 11.91 -31.61 27.30
N GLY A 368 12.55 -30.99 26.34
CA GLY A 368 12.93 -31.65 25.08
C GLY A 368 11.92 -31.62 23.97
N SER A 369 10.66 -31.29 24.27
CA SER A 369 9.61 -31.27 23.28
C SER A 369 9.55 -29.87 22.66
N GLU A 370 9.57 -29.79 21.35
N GLU A 370 9.46 -29.84 21.35
CA GLU A 370 9.56 -28.49 20.68
CA GLU A 370 9.45 -28.61 20.56
C GLU A 370 8.11 -28.02 20.57
C GLU A 370 8.04 -28.03 20.55
N GLY A 371 7.95 -26.71 20.74
CA GLY A 371 6.66 -26.04 20.56
C GLY A 371 6.85 -24.54 20.41
N GLU A 372 5.74 -23.86 20.42
CA GLU A 372 5.68 -22.41 20.19
C GLU A 372 6.00 -21.66 21.47
N LEU A 373 6.90 -20.73 21.37
CA LEU A 373 7.11 -19.75 22.47
C LEU A 373 5.89 -18.81 22.57
N CYS A 374 5.37 -18.68 23.77
CA CYS A 374 4.32 -17.69 24.08
C CYS A 374 4.83 -16.83 25.24
N ILE A 375 4.67 -15.52 25.14
CA ILE A 375 5.29 -14.58 26.09
C ILE A 375 4.19 -13.81 26.81
N GLY A 376 4.29 -13.72 28.13
CA GLY A 376 3.38 -12.91 28.92
C GLY A 376 4.10 -11.93 29.83
N GLY A 377 3.33 -11.13 30.53
CA GLY A 377 3.86 -10.24 31.55
C GLY A 377 3.98 -8.79 31.11
N VAL A 378 4.77 -8.01 31.85
N VAL A 378 4.80 -8.01 31.82
CA VAL A 378 4.69 -6.52 31.81
CA VAL A 378 4.67 -6.53 31.83
C VAL A 378 5.09 -5.97 30.43
C VAL A 378 5.26 -5.88 30.55
N GLY A 379 5.97 -6.63 29.72
CA GLY A 379 6.42 -6.08 28.44
C GLY A 379 5.45 -6.17 27.29
N LEU A 380 4.33 -6.84 27.45
N LEU A 380 4.35 -6.90 27.41
CA LEU A 380 3.42 -7.17 26.34
CA LEU A 380 3.45 -7.13 26.27
C LEU A 380 2.77 -5.90 25.77
C LEU A 380 2.92 -5.78 25.77
N ALA A 381 2.88 -5.72 24.46
CA ALA A 381 2.16 -4.65 23.76
C ALA A 381 0.68 -4.67 24.08
N ARG A 382 0.03 -3.50 23.88
CA ARG A 382 -1.44 -3.42 24.02
C ARG A 382 -2.09 -4.24 22.89
N GLY A 383 -1.45 -4.29 21.73
CA GLY A 383 -1.95 -4.96 20.53
C GLY A 383 -1.46 -4.24 19.25
N TYR A 384 -2.16 -4.47 18.15
CA TYR A 384 -1.84 -3.84 16.87
C TYR A 384 -2.88 -2.76 16.60
N TRP A 385 -2.40 -1.60 16.22
CA TRP A 385 -3.24 -0.42 15.96
C TRP A 385 -4.30 -0.74 14.88
N ASN A 386 -5.55 -0.53 15.23
CA ASN A 386 -6.73 -0.69 14.34
C ASN A 386 -6.73 -2.04 13.62
N ARG A 387 -6.20 -3.07 14.28
CA ARG A 387 -6.17 -4.46 13.76
C ARG A 387 -6.77 -5.39 14.79
N PRO A 388 -8.08 -5.29 15.07
CA PRO A 388 -8.65 -6.02 16.19
C PRO A 388 -8.62 -7.54 15.99
N ASP A 389 -8.85 -8.08 14.79
CA ASP A 389 -8.89 -9.56 14.64
C ASP A 389 -7.48 -10.10 14.72
N LEU A 390 -6.51 -9.45 14.09
CA LEU A 390 -5.09 -9.90 14.19
C LEU A 390 -4.66 -9.81 15.67
N THR A 391 -5.04 -8.75 16.36
CA THR A 391 -4.66 -8.60 17.79
C THR A 391 -5.23 -9.80 18.55
N ALA A 392 -6.50 -10.10 18.35
CA ALA A 392 -7.17 -11.20 19.07
C ALA A 392 -6.50 -12.55 18.74
N GLU A 393 -6.00 -12.74 17.51
CA GLU A 393 -5.34 -13.97 17.04
C GLU A 393 -4.00 -14.17 17.74
N LYS A 394 -3.26 -13.09 17.95
CA LYS A 394 -1.83 -13.13 18.36
C LYS A 394 -1.72 -12.92 19.85
N PHE A 395 -2.47 -11.98 20.39
CA PHE A 395 -2.45 -11.64 21.83
C PHE A 395 -3.66 -12.33 22.45
N VAL A 396 -3.46 -13.59 22.78
CA VAL A 396 -4.53 -14.50 23.24
C VAL A 396 -4.64 -14.49 24.77
N ASP A 397 -5.75 -14.95 25.28
CA ASP A 397 -5.88 -15.10 26.73
C ASP A 397 -4.77 -16.06 27.21
N ASN A 398 -4.07 -15.68 28.29
CA ASN A 398 -3.09 -16.59 28.92
C ASN A 398 -3.87 -17.57 29.76
N PRO A 399 -3.95 -18.84 29.38
CA PRO A 399 -4.78 -19.77 30.16
C PRO A 399 -4.16 -20.16 31.51
N PHE A 400 -2.87 -19.89 31.64
CA PHE A 400 -2.06 -20.24 32.82
C PHE A 400 -2.19 -19.18 33.90
N VAL A 401 -2.45 -17.92 33.50
CA VAL A 401 -2.55 -16.75 34.39
C VAL A 401 -3.85 -16.04 34.03
N PRO A 402 -4.96 -16.49 34.63
CA PRO A 402 -6.26 -15.93 34.24
C PRO A 402 -6.26 -14.39 34.30
N GLY A 403 -6.86 -13.78 33.29
CA GLY A 403 -7.06 -12.33 33.21
C GLY A 403 -5.91 -11.61 32.55
N GLU A 404 -4.84 -12.32 32.18
CA GLU A 404 -3.74 -11.72 31.42
C GLU A 404 -3.79 -12.22 29.99
N LYS A 405 -3.03 -11.58 29.12
CA LYS A 405 -2.81 -12.01 27.72
C LYS A 405 -1.42 -12.64 27.60
N MET A 406 -1.20 -13.33 26.49
CA MET A 406 0.15 -13.77 26.09
C MET A 406 0.23 -13.68 24.59
N TYR A 407 1.43 -13.45 24.10
CA TYR A 407 1.67 -13.27 22.67
C TYR A 407 2.19 -14.59 22.08
N ARG A 408 1.55 -15.06 21.04
CA ARG A 408 1.95 -16.26 20.26
C ARG A 408 3.01 -15.80 19.28
N THR A 409 4.27 -16.14 19.52
CA THR A 409 5.40 -15.62 18.76
C THR A 409 5.57 -16.19 17.36
N GLY A 410 5.08 -17.40 17.08
CA GLY A 410 5.46 -18.09 15.84
C GLY A 410 6.88 -18.66 15.85
N ASP A 411 7.57 -18.57 17.00
CA ASP A 411 8.93 -19.09 17.14
C ASP A 411 8.85 -20.48 17.76
N LEU A 412 9.69 -21.37 17.26
CA LEU A 412 9.81 -22.75 17.78
C LEU A 412 10.97 -22.84 18.76
N ALA A 413 10.76 -23.58 19.84
CA ALA A 413 11.77 -23.67 20.91
C ALA A 413 11.56 -24.94 21.73
N LYS A 414 12.52 -25.25 22.58
CA LYS A 414 12.36 -26.33 23.53
C LYS A 414 13.12 -25.97 24.78
N TRP A 415 12.67 -26.57 25.87
CA TRP A 415 13.40 -26.49 27.15
C TRP A 415 14.53 -27.52 27.15
N LEU A 416 15.69 -27.08 27.60
CA LEU A 416 16.81 -27.97 28.03
C LEU A 416 16.62 -28.34 29.51
N THR A 417 17.15 -29.49 29.97
CA THR A 417 16.80 -29.90 31.37
C THR A 417 17.55 -29.02 32.40
N ASP A 418 18.58 -28.28 31.93
CA ASP A 418 19.23 -27.25 32.79
C ASP A 418 18.32 -26.04 32.99
N GLY A 419 17.12 -26.01 32.38
CA GLY A 419 16.18 -24.90 32.61
C GLY A 419 16.42 -23.66 31.72
N THR A 420 17.25 -23.78 30.70
CA THR A 420 17.41 -22.77 29.65
C THR A 420 16.62 -23.19 28.43
N ILE A 421 16.36 -22.21 27.58
CA ILE A 421 15.56 -22.45 26.35
C ILE A 421 16.49 -22.43 25.12
N GLU A 422 16.26 -23.37 24.22
CA GLU A 422 16.92 -23.44 22.92
C GLU A 422 15.92 -22.92 21.88
N PHE A 423 16.36 -21.93 21.10
CA PHE A 423 15.61 -21.39 19.96
C PHE A 423 15.84 -22.28 18.75
N LEU A 424 14.76 -22.65 18.07
CA LEU A 424 14.86 -23.65 16.97
C LEU A 424 14.38 -23.13 15.63
N GLY A 425 13.98 -21.90 15.54
CA GLY A 425 13.50 -21.31 14.30
C GLY A 425 12.03 -20.93 14.40
N ARG A 426 11.32 -21.04 13.29
CA ARG A 426 9.89 -20.67 13.17
C ARG A 426 9.00 -21.91 13.11
N ILE A 427 7.81 -21.84 13.72
CA ILE A 427 6.82 -22.94 13.71
C ILE A 427 6.28 -23.05 12.30
N LEU B 29 -6.57 -8.81 -42.72
CA LEU B 29 -7.31 -8.45 -41.54
C LEU B 29 -8.81 -8.35 -41.91
N VAL B 30 -9.76 -8.68 -40.99
CA VAL B 30 -11.18 -8.26 -41.06
C VAL B 30 -11.14 -6.74 -41.09
N PRO B 31 -11.76 -6.07 -42.07
CA PRO B 31 -11.60 -4.63 -42.18
C PRO B 31 -11.99 -3.89 -40.92
N TYR B 32 -11.19 -2.87 -40.68
CA TYR B 32 -11.53 -1.81 -39.72
C TYR B 32 -10.83 -0.53 -40.20
N ALA B 33 -11.01 0.54 -39.43
CA ALA B 33 -10.39 1.83 -39.76
C ALA B 33 -8.93 1.83 -39.27
N GLN B 34 -8.12 1.13 -40.02
CA GLN B 34 -6.69 0.98 -39.76
C GLN B 34 -6.04 2.37 -39.93
N GLY B 35 -4.95 2.68 -39.34
CA GLY B 35 -4.46 4.07 -39.65
C GLY B 35 -5.33 5.24 -39.12
N LYS B 36 -6.41 5.03 -38.35
CA LYS B 36 -7.16 6.11 -37.66
C LYS B 36 -7.00 6.05 -36.14
N SER B 37 -6.88 7.23 -35.53
N SER B 37 -6.85 7.21 -35.50
CA SER B 37 -6.92 7.43 -34.05
CA SER B 37 -6.85 7.33 -34.02
C SER B 37 -8.36 7.40 -33.53
C SER B 37 -8.29 7.50 -33.50
N ILE B 38 -8.53 7.23 -32.22
CA ILE B 38 -9.89 7.30 -31.63
C ILE B 38 -10.51 8.65 -31.92
N HIS B 39 -9.77 9.73 -31.66
CA HIS B 39 -10.38 11.07 -31.86
C HIS B 39 -10.68 11.29 -33.33
N GLN B 40 -9.88 10.77 -34.26
CA GLN B 40 -10.22 10.89 -35.71
C GLN B 40 -11.56 10.21 -35.98
N LEU B 41 -11.79 9.04 -35.40
CA LEU B 41 -13.03 8.31 -35.68
C LEU B 41 -14.18 9.09 -35.04
N PHE B 42 -13.96 9.71 -33.87
CA PHE B 42 -15.00 10.54 -33.26
C PHE B 42 -15.29 11.75 -34.17
N GLU B 43 -14.25 12.42 -34.66
CA GLU B 43 -14.40 13.58 -35.57
C GLU B 43 -15.21 13.17 -36.79
N GLU B 44 -14.99 11.99 -37.34
CA GLU B 44 -15.79 11.55 -38.51
C GLU B 44 -17.27 11.49 -38.12
N GLN B 45 -17.59 10.98 -36.92
CA GLN B 45 -18.99 10.88 -36.48
C GLN B 45 -19.51 12.31 -36.27
N ALA B 46 -18.71 13.23 -35.71
CA ALA B 46 -19.21 14.61 -35.47
C ALA B 46 -19.47 15.31 -36.80
N GLU B 47 -18.72 15.02 -37.86
CA GLU B 47 -18.90 15.63 -39.21
C GLU B 47 -20.16 15.00 -39.86
N ALA B 48 -20.40 13.68 -39.68
CA ALA B 48 -21.59 12.99 -40.24
C ALA B 48 -22.88 13.35 -39.52
N PHE B 49 -22.84 13.50 -38.20
CA PHE B 49 -24.06 13.57 -37.36
C PHE B 49 -23.98 14.76 -36.41
N PRO B 50 -23.69 15.98 -36.91
CA PRO B 50 -23.40 17.10 -36.01
C PRO B 50 -24.53 17.43 -35.04
N ASP B 51 -25.79 17.27 -35.47
CA ASP B 51 -26.95 17.70 -34.66
C ASP B 51 -27.58 16.52 -33.92
N ARG B 52 -27.00 15.31 -34.04
CA ARG B 52 -27.47 14.18 -33.20
C ARG B 52 -27.00 14.39 -31.75
N VAL B 53 -27.76 13.86 -30.82
CA VAL B 53 -27.40 13.78 -29.38
C VAL B 53 -26.17 12.87 -29.32
N ALA B 54 -25.13 13.35 -28.68
CA ALA B 54 -23.93 12.52 -28.38
C ALA B 54 -23.93 12.04 -26.93
N ILE B 55 -24.33 12.89 -26.00
CA ILE B 55 -24.09 12.60 -24.57
C ILE B 55 -25.20 13.20 -23.72
N VAL B 56 -25.70 12.44 -22.77
CA VAL B 56 -26.77 12.85 -21.85
C VAL B 56 -26.30 12.60 -20.41
N PHE B 57 -26.45 13.59 -19.53
CA PHE B 57 -26.32 13.35 -18.09
C PHE B 57 -27.45 14.15 -17.40
N GLU B 58 -28.36 13.40 -16.80
CA GLU B 58 -29.51 13.98 -16.08
C GLU B 58 -30.18 14.97 -17.08
N ASN B 59 -30.37 16.23 -16.72
CA ASN B 59 -31.19 17.14 -17.57
C ASN B 59 -30.34 17.92 -18.55
N ARG B 60 -29.10 17.50 -18.78
CA ARG B 60 -28.23 18.17 -19.77
C ARG B 60 -27.87 17.17 -20.88
N ARG B 61 -27.77 17.69 -22.09
CA ARG B 61 -27.27 16.93 -23.24
C ARG B 61 -26.52 17.84 -24.20
N LEU B 62 -25.61 17.23 -24.94
CA LEU B 62 -24.84 17.91 -26.00
C LEU B 62 -24.96 17.11 -27.27
N SER B 63 -25.07 17.80 -28.40
CA SER B 63 -24.94 17.23 -29.75
C SER B 63 -23.50 16.82 -30.01
N TYR B 64 -23.27 16.04 -31.09
CA TYR B 64 -21.92 15.78 -31.61
C TYR B 64 -21.14 17.09 -31.82
N GLN B 65 -21.77 18.08 -32.48
CA GLN B 65 -21.03 19.31 -32.83
C GLN B 65 -20.65 20.04 -31.52
N GLU B 66 -21.58 20.09 -30.55
CA GLU B 66 -21.32 20.80 -29.27
C GLU B 66 -20.17 20.13 -28.50
N LEU B 67 -20.22 18.80 -28.47
CA LEU B 67 -19.20 17.99 -27.75
C LEU B 67 -17.84 18.18 -28.43
N ASN B 68 -17.81 18.06 -29.75
CA ASN B 68 -16.53 18.18 -30.50
C ASN B 68 -15.91 19.57 -30.29
N ARG B 69 -16.71 20.64 -30.41
CA ARG B 69 -16.22 22.03 -30.26
C ARG B 69 -15.65 22.22 -28.87
N LYS B 70 -16.36 21.74 -27.82
CA LYS B 70 -15.88 21.93 -26.43
C LYS B 70 -14.56 21.17 -26.25
N ALA B 71 -14.46 19.95 -26.77
CA ALA B 71 -13.24 19.14 -26.61
C ALA B 71 -12.10 19.85 -27.37
N ASN B 72 -12.40 20.46 -28.53
CA ASN B 72 -11.30 21.13 -29.31
C ASN B 72 -10.79 22.36 -28.53
N GLN B 73 -11.70 23.10 -27.88
CA GLN B 73 -11.29 24.28 -27.07
C GLN B 73 -10.38 23.81 -25.94
N LEU B 74 -10.76 22.76 -25.19
CA LEU B 74 -9.91 22.24 -24.09
C LEU B 74 -8.61 21.69 -24.68
N ALA B 75 -8.67 21.02 -25.82
CA ALA B 75 -7.45 20.41 -26.39
C ALA B 75 -6.41 21.51 -26.64
N ARG B 76 -6.86 22.68 -27.11
CA ARG B 76 -5.93 23.80 -27.41
C ARG B 76 -5.32 24.29 -26.10
N ALA B 77 -6.09 24.38 -25.03
CA ALA B 77 -5.57 24.77 -23.69
C ALA B 77 -4.54 23.73 -23.22
N LEU B 78 -4.80 22.45 -23.42
CA LEU B 78 -3.88 21.37 -23.03
C LEU B 78 -2.55 21.45 -23.80
N LEU B 79 -2.55 21.78 -25.10
CA LEU B 79 -1.28 21.96 -25.87
C LEU B 79 -0.40 23.02 -25.19
N GLU B 80 -1.00 24.14 -24.80
CA GLU B 80 -0.26 25.26 -24.18
C GLU B 80 0.39 24.78 -22.89
N LYS B 81 -0.17 23.77 -22.24
CA LYS B 81 0.32 23.28 -20.92
C LYS B 81 1.32 22.12 -21.08
N GLY B 82 1.72 21.79 -22.31
CA GLY B 82 2.77 20.79 -22.61
C GLY B 82 2.28 19.41 -23.05
N VAL B 83 0.99 19.18 -23.27
CA VAL B 83 0.49 17.83 -23.65
C VAL B 83 0.94 17.52 -25.08
N GLN B 84 1.57 16.36 -25.28
CA GLN B 84 2.01 15.87 -26.61
C GLN B 84 2.00 14.35 -26.61
N THR B 85 2.53 13.71 -27.64
CA THR B 85 2.58 12.22 -27.70
C THR B 85 3.25 11.73 -26.43
N ASP B 86 2.65 10.69 -25.84
CA ASP B 86 3.10 10.08 -24.55
C ASP B 86 3.02 11.06 -23.38
N SER B 87 2.35 12.22 -23.51
CA SER B 87 1.89 12.89 -22.28
C SER B 87 0.81 11.98 -21.64
N ILE B 88 0.98 11.57 -20.40
CA ILE B 88 -0.07 10.90 -19.61
C ILE B 88 -0.73 11.99 -18.77
N VAL B 89 -2.03 12.14 -18.95
CA VAL B 89 -2.85 13.21 -18.31
C VAL B 89 -3.82 12.56 -17.34
N GLY B 90 -3.67 12.82 -16.04
CA GLY B 90 -4.61 12.29 -15.06
C GLY B 90 -5.97 12.97 -15.11
N VAL B 91 -7.01 12.20 -14.82
CA VAL B 91 -8.38 12.73 -14.75
C VAL B 91 -8.93 12.29 -13.39
N MET B 92 -9.29 13.26 -12.56
CA MET B 92 -9.89 13.13 -11.22
C MET B 92 -11.22 13.85 -11.25
N MET B 93 -12.27 13.18 -11.73
CA MET B 93 -13.57 13.83 -11.96
C MET B 93 -14.69 12.86 -11.66
N GLU B 94 -15.86 13.41 -11.34
CA GLU B 94 -17.11 12.63 -11.30
C GLU B 94 -17.52 12.26 -12.73
N LYS B 95 -18.28 11.18 -12.90
CA LYS B 95 -18.84 10.83 -14.21
C LYS B 95 -19.83 11.94 -14.58
N SER B 96 -19.60 12.56 -15.71
CA SER B 96 -20.35 13.75 -16.17
C SER B 96 -20.04 13.97 -17.65
N ILE B 97 -20.80 14.86 -18.27
CA ILE B 97 -20.47 15.35 -19.63
C ILE B 97 -19.04 15.92 -19.63
N GLU B 98 -18.69 16.70 -18.61
CA GLU B 98 -17.38 17.37 -18.50
C GLU B 98 -16.24 16.34 -18.43
N ASN B 99 -16.47 15.16 -17.87
CA ASN B 99 -15.46 14.06 -17.88
C ASN B 99 -15.20 13.59 -19.32
N VAL B 100 -16.25 13.47 -20.12
CA VAL B 100 -16.05 12.97 -21.50
C VAL B 100 -15.41 14.07 -22.35
N ILE B 101 -15.74 15.32 -22.09
CA ILE B 101 -15.03 16.44 -22.77
C ILE B 101 -13.53 16.35 -22.47
N ALA B 102 -13.18 16.05 -21.22
CA ALA B 102 -11.77 15.99 -20.79
C ALA B 102 -11.07 14.87 -21.56
N ILE B 103 -11.69 13.70 -21.61
CA ILE B 103 -11.07 12.53 -22.31
C ILE B 103 -10.81 12.87 -23.78
N LEU B 104 -11.82 13.35 -24.47
CA LEU B 104 -11.71 13.64 -25.91
C LEU B 104 -10.65 14.73 -26.11
N ALA B 105 -10.58 15.74 -25.23
CA ALA B 105 -9.57 16.84 -25.37
C ALA B 105 -8.16 16.28 -25.25
N VAL B 106 -7.93 15.36 -24.31
CA VAL B 106 -6.58 14.74 -24.14
C VAL B 106 -6.23 14.02 -25.44
N LEU B 107 -7.14 13.23 -25.95
CA LEU B 107 -6.84 12.46 -27.19
C LEU B 107 -6.52 13.43 -28.34
N LYS B 108 -7.32 14.49 -28.49
CA LYS B 108 -7.16 15.48 -29.56
C LYS B 108 -5.83 16.24 -29.42
N ALA B 109 -5.33 16.39 -28.21
CA ALA B 109 -4.08 17.11 -27.95
C ALA B 109 -2.90 16.18 -28.26
N GLY B 110 -3.19 14.89 -28.51
CA GLY B 110 -2.15 13.88 -28.83
C GLY B 110 -1.67 13.08 -27.63
N GLY B 111 -2.20 13.33 -26.44
CA GLY B 111 -1.80 12.64 -25.20
C GLY B 111 -2.67 11.41 -24.94
N ALA B 112 -2.43 10.83 -23.79
CA ALA B 112 -3.11 9.64 -23.26
C ALA B 112 -3.68 9.96 -21.89
N TYR B 113 -4.90 9.55 -21.60
CA TYR B 113 -5.47 9.86 -20.27
C TYR B 113 -5.36 8.69 -19.33
N VAL B 114 -5.29 9.00 -18.05
CA VAL B 114 -5.37 7.94 -17.00
C VAL B 114 -6.48 8.31 -16.04
N PRO B 115 -7.56 7.53 -16.00
CA PRO B 115 -8.66 7.81 -15.08
C PRO B 115 -8.29 7.30 -13.68
N ILE B 116 -8.40 8.16 -12.68
CA ILE B 116 -7.97 7.93 -11.28
C ILE B 116 -9.20 8.01 -10.38
N ASP B 117 -9.55 6.88 -9.77
CA ASP B 117 -10.84 6.76 -9.06
C ASP B 117 -10.76 7.62 -7.80
N ILE B 118 -11.56 8.66 -7.74
CA ILE B 118 -11.54 9.65 -6.62
C ILE B 118 -12.14 9.05 -5.33
N GLU B 119 -12.68 7.83 -5.36
CA GLU B 119 -13.21 7.20 -4.13
C GLU B 119 -12.22 6.16 -3.58
N TYR B 120 -11.07 5.98 -4.22
CA TYR B 120 -10.01 5.07 -3.71
C TYR B 120 -9.44 5.66 -2.42
N PRO B 121 -8.92 4.78 -1.55
CA PRO B 121 -8.09 5.27 -0.45
C PRO B 121 -6.99 6.22 -0.97
N ARG B 122 -6.62 7.23 -0.19
CA ARG B 122 -5.65 8.27 -0.58
C ARG B 122 -4.34 7.61 -1.05
N ASP B 123 -3.82 6.63 -0.31
CA ASP B 123 -2.51 6.04 -0.65
C ASP B 123 -2.59 5.42 -2.06
N ARG B 124 -3.74 4.86 -2.44
CA ARG B 124 -3.84 4.19 -3.76
C ARG B 124 -3.86 5.28 -4.85
N ILE B 125 -4.56 6.38 -4.62
CA ILE B 125 -4.57 7.56 -5.55
C ILE B 125 -3.12 8.09 -5.68
N GLN B 126 -2.44 8.22 -4.56
CA GLN B 126 -1.05 8.70 -4.55
C GLN B 126 -0.20 7.74 -5.36
N TYR B 127 -0.33 6.42 -5.13
CA TYR B 127 0.51 5.46 -5.84
C TYR B 127 0.35 5.62 -7.38
N ILE B 128 -0.90 5.71 -7.80
CA ILE B 128 -1.21 5.82 -9.25
C ILE B 128 -0.64 7.12 -9.80
N LEU B 129 -0.87 8.24 -9.13
CA LEU B 129 -0.26 9.50 -9.60
C LEU B 129 1.25 9.35 -9.75
N GLN B 130 1.91 8.88 -8.68
CA GLN B 130 3.38 8.78 -8.69
C GLN B 130 3.84 7.84 -9.79
N ASP B 131 3.21 6.67 -9.88
CA ASP B 131 3.65 5.64 -10.83
C ASP B 131 3.51 6.20 -12.25
N SER B 132 2.36 6.83 -12.54
CA SER B 132 2.05 7.32 -13.91
C SER B 132 2.99 8.45 -14.31
N GLN B 133 3.56 9.12 -13.31
CA GLN B 133 4.43 10.31 -13.51
C GLN B 133 3.67 11.43 -14.17
N THR B 134 2.35 11.44 -14.10
CA THR B 134 1.58 12.51 -14.77
C THR B 134 1.98 13.87 -14.22
N LYS B 135 2.10 14.82 -15.13
CA LYS B 135 2.44 16.23 -14.79
C LYS B 135 1.22 17.16 -14.84
N ILE B 136 0.04 16.63 -15.17
N ILE B 136 0.07 16.65 -15.30
CA ILE B 136 -1.14 17.51 -15.27
CA ILE B 136 -1.21 17.41 -15.37
C ILE B 136 -2.38 16.65 -15.00
C ILE B 136 -2.32 16.52 -14.86
N VAL B 137 -3.15 17.07 -13.99
CA VAL B 137 -4.38 16.43 -13.54
C VAL B 137 -5.54 17.36 -13.93
N LEU B 138 -6.51 16.80 -14.62
CA LEU B 138 -7.78 17.51 -14.92
C LEU B 138 -8.81 17.13 -13.85
N THR B 139 -9.44 18.13 -13.26
CA THR B 139 -10.36 17.91 -12.12
C THR B 139 -11.49 18.93 -12.21
N GLN B 140 -12.26 19.01 -11.14
CA GLN B 140 -13.43 19.90 -11.04
C GLN B 140 -13.46 20.48 -9.63
N LYS B 141 -14.28 21.53 -9.41
CA LYS B 141 -14.26 22.30 -8.14
C LYS B 141 -14.48 21.35 -7.00
N SER B 142 -15.43 20.41 -7.16
CA SER B 142 -15.90 19.52 -6.07
C SER B 142 -14.82 18.51 -5.71
N VAL B 143 -13.77 18.38 -6.53
CA VAL B 143 -12.71 17.36 -6.30
C VAL B 143 -11.38 18.06 -5.98
N SER B 144 -11.27 19.37 -6.15
CA SER B 144 -9.99 20.08 -5.99
C SER B 144 -9.43 19.89 -4.55
N GLN B 145 -10.23 19.80 -3.50
N GLN B 145 -10.31 19.81 -3.55
CA GLN B 145 -9.58 19.67 -2.15
CA GLN B 145 -9.92 19.58 -2.12
C GLN B 145 -9.05 18.23 -2.00
C GLN B 145 -9.08 18.29 -2.10
N LEU B 146 -9.63 17.23 -2.67
CA LEU B 146 -9.03 15.87 -2.62
C LEU B 146 -7.68 15.93 -3.30
N VAL B 147 -7.59 16.58 -4.43
CA VAL B 147 -6.30 16.69 -5.16
C VAL B 147 -5.25 17.37 -4.29
N HIS B 148 -5.62 18.43 -3.60
CA HIS B 148 -4.72 19.11 -2.63
C HIS B 148 -4.41 18.17 -1.47
N ASP B 149 -5.39 17.45 -0.90
N ASP B 149 -5.43 17.48 -0.91
CA ASP B 149 -5.11 16.68 0.35
CA ASP B 149 -5.28 16.60 0.29
C ASP B 149 -4.23 15.48 0.03
C ASP B 149 -4.21 15.56 -0.01
N VAL B 150 -4.22 14.99 -1.21
CA VAL B 150 -3.26 13.89 -1.51
C VAL B 150 -1.85 14.44 -1.83
N GLY B 151 -1.69 15.75 -1.93
CA GLY B 151 -0.36 16.39 -2.06
C GLY B 151 0.21 16.45 -3.48
N TYR B 152 -0.63 16.40 -4.50
CA TYR B 152 -0.22 16.38 -5.91
C TYR B 152 0.51 17.65 -6.30
N SER B 153 1.72 17.49 -6.85
CA SER B 153 2.65 18.62 -7.09
C SER B 153 2.69 19.08 -8.55
N GLY B 154 1.90 18.48 -9.45
CA GLY B 154 1.90 18.88 -10.86
C GLY B 154 0.86 19.96 -11.12
N GLU B 155 0.55 20.20 -12.38
CA GLU B 155 -0.46 21.23 -12.69
C GLU B 155 -1.85 20.62 -12.45
N VAL B 156 -2.70 21.34 -11.75
CA VAL B 156 -4.13 21.00 -11.55
C VAL B 156 -5.01 21.95 -12.35
N VAL B 157 -5.74 21.38 -13.30
CA VAL B 157 -6.69 22.17 -14.13
C VAL B 157 -8.11 21.91 -13.62
N VAL B 158 -8.71 22.94 -13.02
CA VAL B 158 -10.11 22.86 -12.55
C VAL B 158 -10.97 23.23 -13.75
N LEU B 159 -11.52 22.23 -14.41
CA LEU B 159 -12.16 22.45 -15.73
C LEU B 159 -13.39 23.33 -15.59
N ASP B 160 -14.08 23.30 -14.43
CA ASP B 160 -15.30 24.16 -14.33
C ASP B 160 -14.92 25.60 -13.88
N GLU B 161 -13.61 25.96 -13.85
CA GLU B 161 -13.16 27.39 -13.70
C GLU B 161 -12.38 27.88 -14.96
N GLU B 162 -12.23 27.07 -16.02
CA GLU B 162 -11.34 27.38 -17.18
C GLU B 162 -12.12 28.26 -18.17
N GLN B 163 -11.49 29.33 -18.68
CA GLN B 163 -12.07 30.31 -19.65
C GLN B 163 -11.73 29.85 -21.07
N LEU B 164 -12.62 29.10 -21.73
CA LEU B 164 -12.35 28.41 -23.03
C LEU B 164 -13.31 28.93 -24.10
N ASP B 165 -14.31 29.73 -23.71
CA ASP B 165 -15.45 30.16 -24.58
C ASP B 165 -14.89 30.81 -25.86
N ALA B 166 -13.69 31.39 -25.76
CA ALA B 166 -13.05 32.24 -26.80
C ALA B 166 -12.10 31.44 -27.69
N ARG B 167 -11.63 30.26 -27.24
CA ARG B 167 -10.64 29.50 -28.02
C ARG B 167 -11.31 28.97 -29.30
N GLU B 168 -10.49 28.71 -30.31
N GLU B 168 -10.49 28.73 -30.33
CA GLU B 168 -10.94 28.17 -31.63
CA GLU B 168 -10.96 28.18 -31.62
C GLU B 168 -11.60 26.80 -31.40
C GLU B 168 -11.64 26.83 -31.37
N THR B 169 -12.67 26.53 -32.16
CA THR B 169 -13.50 25.33 -32.02
C THR B 169 -13.23 24.27 -33.10
N ALA B 170 -12.47 24.59 -34.15
CA ALA B 170 -12.13 23.63 -35.23
C ALA B 170 -11.29 22.47 -34.67
N ASN B 171 -11.29 21.34 -35.38
CA ASN B 171 -10.38 20.20 -35.08
C ASN B 171 -8.92 20.69 -35.16
N LEU B 172 -8.08 20.14 -34.29
CA LEU B 172 -6.64 20.45 -34.20
C LEU B 172 -5.80 19.78 -35.27
N HIS B 173 -6.09 18.57 -35.72
CA HIS B 173 -5.16 17.85 -36.65
C HIS B 173 -3.70 17.71 -36.11
N GLN B 174 -3.52 17.37 -34.83
CA GLN B 174 -2.18 17.12 -34.26
C GLN B 174 -1.63 15.80 -34.82
N PRO B 175 -0.29 15.65 -34.96
CA PRO B 175 0.30 14.38 -35.36
C PRO B 175 -0.21 13.21 -34.51
N SER B 176 -0.64 12.14 -35.18
CA SER B 176 -1.17 10.94 -34.49
C SER B 176 -0.98 9.71 -35.36
N LYS B 177 -0.69 8.59 -34.70
CA LYS B 177 -0.63 7.25 -35.29
C LYS B 177 -1.46 6.32 -34.41
N PRO B 178 -2.08 5.28 -34.98
CA PRO B 178 -2.88 4.36 -34.16
C PRO B 178 -2.09 3.52 -33.14
N THR B 179 -0.77 3.48 -33.30
CA THR B 179 0.13 2.83 -32.32
C THR B 179 0.52 3.80 -31.18
N ASP B 180 0.12 5.05 -31.23
CA ASP B 180 0.38 5.98 -30.12
C ASP B 180 -0.44 5.54 -28.92
N LEU B 181 0.06 5.88 -27.74
CA LEU B 181 -0.70 5.63 -26.50
C LEU B 181 -2.00 6.46 -26.55
N ALA B 182 -3.11 5.88 -26.10
CA ALA B 182 -4.42 6.57 -25.97
C ALA B 182 -4.85 6.66 -24.52
N TYR B 183 -4.65 5.63 -23.73
CA TYR B 183 -5.15 5.62 -22.34
C TYR B 183 -4.39 4.58 -21.56
N VAL B 184 -4.31 4.80 -20.26
CA VAL B 184 -3.61 3.89 -19.30
C VAL B 184 -4.62 3.59 -18.21
N ILE B 185 -4.86 2.31 -17.99
CA ILE B 185 -5.83 1.83 -16.98
C ILE B 185 -5.03 1.14 -15.88
N TYR B 186 -5.25 1.58 -14.67
CA TYR B 186 -4.64 0.94 -13.50
C TYR B 186 -5.58 -0.10 -12.96
N THR B 187 -4.96 -1.20 -12.60
CA THR B 187 -5.60 -2.31 -11.88
C THR B 187 -4.71 -2.85 -10.78
N SER B 188 -5.33 -3.36 -9.74
CA SER B 188 -4.61 -3.98 -8.60
C SER B 188 -5.11 -5.40 -8.55
N GLY B 189 -4.21 -6.39 -8.63
CA GLY B 189 -4.62 -7.81 -8.56
C GLY B 189 -4.90 -8.22 -7.12
N THR B 190 -5.05 -9.52 -6.88
CA THR B 190 -5.22 -10.07 -5.51
C THR B 190 -4.05 -9.55 -4.64
N THR B 191 -2.82 -9.59 -5.17
CA THR B 191 -1.55 -9.52 -4.39
C THR B 191 -0.78 -8.19 -4.61
N GLY B 192 -0.43 -7.84 -5.85
CA GLY B 192 0.62 -6.85 -6.17
C GLY B 192 0.19 -5.39 -6.05
N LYS B 193 1.11 -4.49 -6.41
CA LYS B 193 0.87 -3.02 -6.49
C LYS B 193 -0.03 -2.68 -7.68
N PRO B 194 -0.64 -1.48 -7.71
CA PRO B 194 -1.30 -1.00 -8.91
C PRO B 194 -0.33 -1.03 -10.09
N LYS B 195 -0.82 -1.45 -11.25
CA LYS B 195 -0.03 -1.43 -12.50
C LYS B 195 -0.88 -0.80 -13.61
N GLY B 196 -0.25 0.00 -14.43
CA GLY B 196 -0.87 0.74 -15.53
C GLY B 196 -0.73 -0.03 -16.83
N THR B 197 -1.87 -0.43 -17.39
CA THR B 197 -1.88 -1.09 -18.70
C THR B 197 -1.91 0.01 -19.76
N MET B 198 -0.98 -0.01 -20.70
CA MET B 198 -0.80 1.00 -21.76
C MET B 198 -1.56 0.54 -23.00
N LEU B 199 -2.62 1.26 -23.37
CA LEU B 199 -3.48 0.91 -24.51
C LEU B 199 -3.30 1.96 -25.59
N GLU B 200 -3.15 1.47 -26.80
CA GLU B 200 -3.03 2.26 -28.02
C GLU B 200 -4.43 2.50 -28.61
N HIS B 201 -4.48 3.26 -29.70
CA HIS B 201 -5.76 3.59 -30.35
C HIS B 201 -6.34 2.37 -31.07
N LYS B 202 -5.48 1.47 -31.51
CA LYS B 202 -5.86 0.44 -32.53
C LYS B 202 -6.96 -0.47 -31.98
N GLY B 203 -6.90 -0.84 -30.70
CA GLY B 203 -7.92 -1.79 -30.18
C GLY B 203 -9.32 -1.17 -30.20
N ILE B 204 -9.43 0.08 -29.83
CA ILE B 204 -10.74 0.77 -29.87
C ILE B 204 -11.17 0.99 -31.34
N ALA B 205 -10.26 1.27 -32.25
CA ALA B 205 -10.64 1.36 -33.67
C ALA B 205 -11.20 0.03 -34.15
N ASN B 206 -10.57 -1.07 -33.80
CA ASN B 206 -11.11 -2.38 -34.22
C ASN B 206 -12.46 -2.63 -33.57
N LEU B 207 -12.64 -2.28 -32.31
CA LEU B 207 -13.94 -2.45 -31.67
C LEU B 207 -15.03 -1.66 -32.40
N GLN B 208 -14.73 -0.50 -32.96
CA GLN B 208 -15.79 0.24 -33.68
C GLN B 208 -16.38 -0.65 -34.78
N SER B 209 -15.48 -1.28 -35.55
N SER B 209 -15.51 -1.30 -35.56
CA SER B 209 -15.83 -2.19 -36.66
CA SER B 209 -15.96 -2.18 -36.67
C SER B 209 -16.56 -3.43 -36.12
C SER B 209 -16.62 -3.44 -36.10
N PHE B 210 -16.07 -4.00 -35.04
CA PHE B 210 -16.73 -5.17 -34.43
C PHE B 210 -18.16 -4.80 -34.00
N PHE B 211 -18.33 -3.67 -33.33
CA PHE B 211 -19.70 -3.29 -32.86
C PHE B 211 -20.64 -3.08 -34.03
N GLN B 212 -20.18 -2.42 -35.09
CA GLN B 212 -21.09 -2.12 -36.22
C GLN B 212 -21.40 -3.43 -36.98
N ASN B 213 -20.42 -4.33 -37.11
CA ASN B 213 -20.63 -5.60 -37.84
C ASN B 213 -21.46 -6.57 -37.01
N SER B 214 -21.16 -6.72 -35.73
CA SER B 214 -21.65 -7.88 -34.97
C SER B 214 -22.83 -7.52 -34.07
N PHE B 215 -22.90 -6.29 -33.58
CA PHE B 215 -24.07 -5.78 -32.81
C PHE B 215 -24.98 -4.89 -33.66
N GLY B 216 -24.57 -4.53 -34.87
CA GLY B 216 -25.41 -3.67 -35.71
C GLY B 216 -25.54 -2.29 -35.10
N VAL B 217 -24.54 -1.80 -34.38
CA VAL B 217 -24.62 -0.44 -33.80
C VAL B 217 -24.69 0.58 -34.93
N THR B 218 -25.61 1.51 -34.75
CA THR B 218 -25.81 2.66 -35.66
C THR B 218 -25.95 3.92 -34.82
N GLU B 219 -26.14 5.02 -35.51
CA GLU B 219 -26.38 6.31 -34.84
C GLU B 219 -27.74 6.36 -34.13
N GLN B 220 -28.66 5.46 -34.48
CA GLN B 220 -29.97 5.41 -33.80
C GLN B 220 -29.87 4.84 -32.39
N ASP B 221 -28.81 4.06 -32.12
CA ASP B 221 -28.69 3.43 -30.79
C ASP B 221 -28.59 4.47 -29.66
N ARG B 222 -29.04 4.04 -28.49
CA ARG B 222 -28.98 4.82 -27.22
C ARG B 222 -28.35 3.88 -26.22
N ILE B 223 -27.11 4.22 -25.83
CA ILE B 223 -26.22 3.30 -25.11
C ILE B 223 -26.07 3.85 -23.70
N GLY B 224 -26.29 3.02 -22.69
CA GLY B 224 -26.01 3.37 -21.30
C GLY B 224 -24.54 3.30 -20.98
N LEU B 225 -24.05 4.22 -20.16
N LEU B 225 -24.07 4.22 -20.17
CA LEU B 225 -22.70 4.16 -19.56
CA LEU B 225 -22.74 4.07 -19.57
C LEU B 225 -22.91 3.77 -18.09
C LEU B 225 -22.93 3.75 -18.10
N PHE B 226 -22.44 2.59 -17.70
CA PHE B 226 -22.63 2.02 -16.36
C PHE B 226 -21.32 1.99 -15.56
N ALA B 227 -20.23 1.51 -16.18
CA ALA B 227 -19.00 1.15 -15.44
C ALA B 227 -18.36 2.44 -14.87
N SER B 228 -17.72 2.30 -13.74
CA SER B 228 -16.72 3.31 -13.27
C SER B 228 -15.80 3.70 -14.41
N MET B 229 -15.44 5.00 -14.51
N MET B 229 -15.52 5.00 -14.52
CA MET B 229 -14.49 5.46 -15.57
CA MET B 229 -14.71 5.54 -15.64
C MET B 229 -13.08 4.89 -15.32
C MET B 229 -13.21 5.26 -15.38
N SER B 230 -12.78 4.48 -14.09
N SER B 230 -12.87 4.57 -14.28
CA SER B 230 -11.45 3.86 -13.80
CA SER B 230 -11.52 3.98 -14.03
C SER B 230 -11.40 2.40 -14.29
C SER B 230 -11.37 2.57 -14.60
N PHE B 231 -12.50 1.87 -14.88
CA PHE B 231 -12.51 0.52 -15.48
C PHE B 231 -12.28 0.64 -17.00
N ALA B 232 -11.52 -0.26 -17.60
CA ALA B 232 -11.35 -0.33 -19.07
C ALA B 232 -12.74 -0.45 -19.71
N ALA B 233 -13.66 -1.15 -19.07
CA ALA B 233 -15.02 -1.39 -19.59
C ALA B 233 -15.64 -0.03 -19.94
N SER B 234 -15.45 1.00 -19.15
CA SER B 234 -16.08 2.31 -19.44
C SER B 234 -15.60 2.88 -20.78
N VAL B 235 -14.35 2.64 -21.14
CA VAL B 235 -13.78 3.13 -22.40
C VAL B 235 -14.50 2.46 -23.56
N SER B 236 -14.66 1.15 -23.45
N SER B 236 -14.71 1.16 -23.49
CA SER B 236 -15.44 0.37 -24.44
CA SER B 236 -15.46 0.48 -24.58
C SER B 236 -16.83 0.99 -24.59
C SER B 236 -16.92 0.95 -24.64
N GLU B 237 -17.58 1.13 -23.51
CA GLU B 237 -18.99 1.57 -23.48
C GLU B 237 -19.02 2.94 -24.18
N MET B 238 -18.17 3.85 -23.72
CA MET B 238 -18.21 5.24 -24.21
C MET B 238 -18.01 5.26 -25.72
N PHE B 239 -17.00 4.57 -26.23
CA PHE B 239 -16.69 4.59 -27.67
C PHE B 239 -17.63 3.67 -28.47
N MET B 240 -18.36 2.72 -27.87
CA MET B 240 -19.43 1.97 -28.56
C MET B 240 -20.44 3.02 -29.07
N ALA B 241 -20.75 4.02 -28.24
CA ALA B 241 -21.66 5.10 -28.72
C ALA B 241 -20.92 6.04 -29.67
N LEU B 242 -19.86 6.66 -29.15
CA LEU B 242 -19.35 7.93 -29.75
C LEU B 242 -18.62 7.66 -31.07
N LEU B 243 -18.21 6.40 -31.34
CA LEU B 243 -17.58 6.11 -32.64
C LEU B 243 -18.61 5.59 -33.65
N SER B 244 -19.89 5.65 -33.34
CA SER B 244 -20.94 5.24 -34.30
C SER B 244 -22.02 6.32 -34.45
N GLY B 245 -21.92 7.49 -33.82
CA GLY B 245 -22.97 8.50 -33.95
C GLY B 245 -24.12 8.28 -32.99
N ALA B 246 -24.03 7.26 -32.15
CA ALA B 246 -25.06 6.91 -31.18
C ALA B 246 -25.01 7.90 -30.00
N SER B 247 -26.01 7.85 -29.16
CA SER B 247 -26.06 8.69 -27.95
C SER B 247 -25.63 7.85 -26.74
N LEU B 248 -24.82 8.46 -25.88
CA LEU B 248 -24.30 7.87 -24.63
C LEU B 248 -25.04 8.48 -23.43
N TYR B 249 -25.74 7.66 -22.65
CA TYR B 249 -26.50 8.09 -21.47
C TYR B 249 -25.69 7.73 -20.24
N ILE B 250 -25.14 8.76 -19.62
CA ILE B 250 -24.33 8.58 -18.39
C ILE B 250 -25.29 8.33 -17.24
N LEU B 251 -25.30 7.11 -16.70
CA LEU B 251 -26.25 6.83 -15.62
C LEU B 251 -25.73 7.39 -14.30
N SER B 252 -26.58 8.07 -13.55
CA SER B 252 -26.18 8.70 -12.28
C SER B 252 -26.02 7.67 -11.18
N LYS B 253 -25.42 8.09 -10.07
CA LYS B 253 -25.25 7.23 -8.87
C LYS B 253 -26.64 6.84 -8.35
N GLN B 254 -27.56 7.80 -8.31
CA GLN B 254 -28.94 7.61 -7.77
C GLN B 254 -29.65 6.56 -8.63
N THR B 255 -29.51 6.65 -9.95
CA THR B 255 -30.17 5.75 -10.93
C THR B 255 -29.62 4.34 -10.71
N ILE B 256 -28.31 4.21 -10.55
CA ILE B 256 -27.69 2.87 -10.34
C ILE B 256 -28.09 2.29 -8.98
N HIS B 257 -28.29 3.13 -7.96
CA HIS B 257 -28.47 2.67 -6.56
C HIS B 257 -29.83 2.03 -6.43
N ASP B 258 -30.78 2.40 -7.28
CA ASP B 258 -32.20 1.94 -7.09
C ASP B 258 -32.61 1.15 -8.33
N PHE B 259 -32.79 -0.18 -8.19
CA PHE B 259 -33.03 -1.06 -9.35
C PHE B 259 -34.25 -0.58 -10.09
N ALA B 260 -35.33 -0.21 -9.37
CA ALA B 260 -36.55 0.24 -10.07
C ALA B 260 -36.27 1.56 -10.82
N ALA B 261 -35.46 2.46 -10.25
CA ALA B 261 -35.15 3.72 -10.94
C ALA B 261 -34.33 3.43 -12.20
N PHE B 262 -33.43 2.46 -12.10
CA PHE B 262 -32.60 2.04 -13.25
C PHE B 262 -33.51 1.55 -14.39
N GLU B 263 -34.41 0.63 -14.06
CA GLU B 263 -35.36 0.13 -15.08
C GLU B 263 -36.18 1.26 -15.67
N HIS B 264 -36.67 2.18 -14.84
CA HIS B 264 -37.50 3.29 -15.36
C HIS B 264 -36.64 4.19 -16.26
N TYR B 265 -35.39 4.49 -15.87
CA TYR B 265 -34.53 5.38 -16.66
C TYR B 265 -34.29 4.76 -18.04
N LEU B 266 -33.92 3.47 -18.07
CA LEU B 266 -33.69 2.78 -19.36
C LEU B 266 -34.97 2.89 -20.23
N SER B 267 -36.12 2.71 -19.63
CA SER B 267 -37.42 2.66 -20.37
C SER B 267 -37.82 4.06 -20.86
N GLU B 268 -37.77 5.05 -20.00
CA GLU B 268 -38.26 6.39 -20.35
C GLU B 268 -37.35 6.94 -21.46
N ASN B 269 -36.06 6.61 -21.41
CA ASN B 269 -35.11 7.10 -22.42
C ASN B 269 -34.87 6.13 -23.60
N GLU B 270 -35.59 5.02 -23.64
CA GLU B 270 -35.61 4.05 -24.76
C GLU B 270 -34.17 3.64 -25.08
N LEU B 271 -33.41 3.27 -24.04
CA LEU B 271 -32.05 2.82 -24.28
C LEU B 271 -32.14 1.49 -25.03
N THR B 272 -31.18 1.30 -25.95
CA THR B 272 -31.19 0.09 -26.78
C THR B 272 -30.10 -0.90 -26.44
N ILE B 273 -28.98 -0.46 -25.92
CA ILE B 273 -27.83 -1.37 -25.60
C ILE B 273 -27.31 -0.99 -24.23
N ILE B 274 -26.95 -1.97 -23.41
CA ILE B 274 -26.16 -1.71 -22.20
C ILE B 274 -25.28 -2.92 -21.92
N THR B 275 -24.14 -2.66 -21.31
CA THR B 275 -23.25 -3.66 -20.72
C THR B 275 -23.29 -3.55 -19.21
N LEU B 276 -23.53 -4.69 -18.54
CA LEU B 276 -23.63 -4.76 -17.07
C LEU B 276 -22.77 -5.90 -16.54
N PRO B 277 -22.34 -5.77 -15.28
CA PRO B 277 -21.83 -6.93 -14.57
C PRO B 277 -23.00 -7.87 -14.28
N PRO B 278 -22.81 -9.19 -14.33
CA PRO B 278 -23.91 -10.11 -14.00
C PRO B 278 -24.52 -9.87 -12.61
N THR B 279 -23.67 -9.44 -11.66
CA THR B 279 -24.06 -9.10 -10.29
C THR B 279 -25.12 -8.01 -10.26
N TYR B 280 -25.12 -7.12 -11.25
CA TYR B 280 -26.15 -6.07 -11.31
C TYR B 280 -27.38 -6.60 -12.03
N LEU B 281 -27.18 -7.26 -13.18
CA LEU B 281 -28.31 -7.74 -14.02
C LEU B 281 -29.23 -8.63 -13.20
N THR B 282 -28.68 -9.36 -12.25
N THR B 282 -28.68 -9.39 -12.25
CA THR B 282 -29.45 -10.36 -11.49
CA THR B 282 -29.47 -10.35 -11.48
C THR B 282 -30.53 -9.68 -10.65
C THR B 282 -30.61 -9.65 -10.76
N HIS B 283 -30.44 -8.37 -10.42
CA HIS B 283 -31.45 -7.61 -9.67
C HIS B 283 -32.57 -7.08 -10.56
N LEU B 284 -32.43 -7.18 -11.89
CA LEU B 284 -33.39 -6.50 -12.79
C LEU B 284 -34.45 -7.45 -13.30
N THR B 285 -35.53 -6.88 -13.81
CA THR B 285 -36.75 -7.59 -14.26
C THR B 285 -36.85 -7.38 -15.76
N PRO B 286 -36.79 -8.40 -16.65
CA PRO B 286 -36.87 -8.16 -18.10
C PRO B 286 -38.16 -7.45 -18.52
N GLU B 287 -39.27 -7.70 -17.80
CA GLU B 287 -40.58 -7.10 -18.16
C GLU B 287 -40.61 -5.60 -17.79
N ARG B 288 -39.59 -5.07 -17.08
CA ARG B 288 -39.49 -3.64 -16.72
C ARG B 288 -38.42 -2.88 -17.55
N ILE B 289 -37.80 -3.53 -18.57
N ILE B 289 -37.65 -3.61 -18.37
CA ILE B 289 -36.70 -2.92 -19.40
CA ILE B 289 -36.74 -2.99 -19.36
C ILE B 289 -36.84 -3.30 -20.86
C ILE B 289 -37.06 -3.71 -20.67
N THR B 290 -38.05 -3.18 -21.37
CA THR B 290 -38.43 -3.61 -22.73
C THR B 290 -37.96 -2.67 -23.89
N SER B 291 -37.11 -1.65 -23.75
CA SER B 291 -36.52 -0.94 -24.92
C SER B 291 -35.23 -1.62 -25.41
N LEU B 292 -34.56 -2.36 -24.56
CA LEU B 292 -33.23 -2.89 -24.91
C LEU B 292 -33.36 -3.90 -26.03
N ARG B 293 -32.49 -3.81 -27.03
CA ARG B 293 -32.37 -4.88 -28.04
C ARG B 293 -31.22 -5.83 -27.66
N ILE B 294 -30.21 -5.32 -26.94
CA ILE B 294 -29.01 -6.12 -26.56
C ILE B 294 -28.73 -5.88 -25.07
N MET B 295 -28.50 -6.93 -24.32
CA MET B 295 -27.95 -6.89 -22.98
C MET B 295 -26.63 -7.64 -23.08
N ILE B 296 -25.56 -6.97 -22.69
CA ILE B 296 -24.23 -7.62 -22.63
C ILE B 296 -23.88 -7.78 -21.17
N THR B 297 -23.35 -8.93 -20.76
CA THR B 297 -22.69 -9.06 -19.45
C THR B 297 -21.21 -9.21 -19.68
N ALA B 298 -20.44 -8.58 -18.79
CA ALA B 298 -18.97 -8.61 -18.89
C ALA B 298 -18.33 -8.59 -17.50
N GLY B 299 -17.06 -8.96 -17.45
CA GLY B 299 -16.22 -8.75 -16.25
C GLY B 299 -16.11 -9.98 -15.37
N SER B 300 -17.11 -10.83 -15.37
CA SER B 300 -17.19 -12.03 -14.52
C SER B 300 -18.25 -12.93 -15.13
N ALA B 301 -18.34 -14.16 -14.66
CA ALA B 301 -19.20 -15.19 -15.22
C ALA B 301 -20.66 -14.93 -14.90
N SER B 302 -21.50 -15.05 -15.92
N SER B 302 -21.48 -14.98 -15.94
CA SER B 302 -22.97 -15.07 -15.80
CA SER B 302 -22.95 -15.10 -15.80
C SER B 302 -23.45 -16.51 -15.62
C SER B 302 -23.26 -16.55 -15.44
N SER B 303 -24.24 -16.74 -14.58
CA SER B 303 -24.74 -18.07 -14.28
C SER B 303 -25.70 -18.53 -15.38
N ALA B 304 -25.88 -19.83 -15.46
CA ALA B 304 -26.90 -20.39 -16.36
C ALA B 304 -28.30 -19.88 -16.00
N PRO B 305 -28.72 -19.85 -14.73
CA PRO B 305 -30.06 -19.32 -14.42
C PRO B 305 -30.22 -17.90 -14.93
N LEU B 306 -29.20 -17.07 -14.79
CA LEU B 306 -29.31 -15.65 -15.22
C LEU B 306 -29.50 -15.57 -16.73
N VAL B 307 -28.69 -16.35 -17.44
CA VAL B 307 -28.75 -16.36 -18.91
C VAL B 307 -30.13 -16.85 -19.35
N ASN B 308 -30.64 -17.89 -18.71
CA ASN B 308 -31.94 -18.46 -19.12
C ASN B 308 -33.05 -17.43 -18.92
N LYS B 309 -32.88 -16.54 -17.96
N LYS B 309 -32.92 -16.56 -17.94
CA LYS B 309 -33.93 -15.56 -17.64
CA LYS B 309 -33.97 -15.53 -17.70
C LYS B 309 -33.95 -14.41 -18.65
C LYS B 309 -34.05 -14.56 -18.88
N TRP B 310 -32.92 -14.25 -19.50
CA TRP B 310 -32.82 -13.12 -20.43
C TRP B 310 -32.75 -13.55 -21.89
N LYS B 311 -32.27 -14.75 -22.19
CA LYS B 311 -31.85 -15.05 -23.56
C LYS B 311 -33.00 -15.04 -24.58
N ASP B 312 -34.26 -15.25 -24.12
CA ASP B 312 -35.44 -15.27 -25.00
C ASP B 312 -36.26 -13.98 -24.92
N LYS B 313 -35.74 -12.97 -24.25
CA LYS B 313 -36.44 -11.69 -24.03
C LYS B 313 -35.77 -10.60 -24.83
N LEU B 314 -34.50 -10.78 -25.15
CA LEU B 314 -33.70 -9.85 -25.99
C LEU B 314 -32.42 -10.59 -26.44
N ARG B 315 -31.49 -9.91 -27.09
CA ARG B 315 -30.23 -10.56 -27.51
C ARG B 315 -29.31 -10.52 -26.28
N TYR B 316 -29.07 -11.68 -25.68
CA TYR B 316 -28.18 -11.80 -24.52
C TYR B 316 -26.80 -12.14 -25.05
N ILE B 317 -25.81 -11.33 -24.67
CA ILE B 317 -24.40 -11.54 -25.11
C ILE B 317 -23.49 -11.58 -23.90
N ASN B 318 -22.73 -12.66 -23.78
CA ASN B 318 -21.65 -12.77 -22.77
C ASN B 318 -20.34 -12.33 -23.44
N ALA B 319 -19.71 -11.33 -22.89
CA ALA B 319 -18.44 -10.77 -23.40
C ALA B 319 -17.31 -10.98 -22.42
N TYR B 320 -16.28 -11.70 -22.90
CA TYR B 320 -15.05 -11.99 -22.16
C TYR B 320 -13.93 -11.14 -22.71
N GLY B 321 -13.26 -10.44 -21.82
CA GLY B 321 -12.09 -9.65 -22.23
C GLY B 321 -11.38 -9.15 -21.00
N LEU B 322 -10.28 -8.47 -21.26
CA LEU B 322 -9.34 -8.07 -20.21
C LEU B 322 -8.92 -6.63 -20.48
N THR B 323 -8.53 -5.96 -19.41
CA THR B 323 -7.84 -4.66 -19.53
C THR B 323 -6.73 -4.73 -20.58
N GLU B 324 -5.93 -5.80 -20.52
CA GLU B 324 -4.75 -5.99 -21.36
C GLU B 324 -5.06 -6.25 -22.84
N THR B 325 -6.34 -6.49 -23.17
CA THR B 325 -6.75 -6.77 -24.56
C THR B 325 -7.79 -5.77 -25.05
N SER B 326 -7.79 -4.55 -24.54
CA SER B 326 -8.76 -3.53 -24.95
C SER B 326 -10.18 -4.04 -24.73
N CYS B 327 -10.47 -4.62 -23.55
N CYS B 327 -10.36 -4.74 -23.60
CA CYS B 327 -11.79 -5.29 -23.23
CA CYS B 327 -11.69 -4.99 -22.98
C CYS B 327 -12.07 -6.40 -24.28
C CYS B 327 -12.36 -6.25 -23.45
N SER B 328 -13.23 -6.43 -24.95
N SER B 328 -11.87 -6.73 -24.58
CA SER B 328 -13.82 -7.66 -25.56
CA SER B 328 -12.61 -7.54 -25.56
C SER B 328 -12.78 -8.44 -26.38
C SER B 328 -11.71 -8.68 -26.02
N ALA B 329 -12.55 -9.70 -25.99
N ALA B 329 -12.28 -9.84 -26.20
CA ALA B 329 -11.74 -10.65 -26.79
CA ALA B 329 -11.54 -11.00 -26.75
C ALA B 329 -12.62 -11.73 -27.42
C ALA B 329 -12.54 -11.93 -27.41
N THR B 330 -13.60 -12.28 -26.68
CA THR B 330 -14.57 -13.24 -27.22
C THR B 330 -15.98 -12.79 -26.85
N ILE B 331 -16.94 -13.23 -27.66
CA ILE B 331 -18.36 -13.01 -27.34
C ILE B 331 -19.12 -14.30 -27.59
N TRP B 332 -20.17 -14.49 -26.78
CA TRP B 332 -21.17 -15.55 -27.05
C TRP B 332 -22.55 -14.90 -27.03
N GLU B 333 -23.25 -14.90 -28.16
CA GLU B 333 -24.66 -14.53 -28.18
C GLU B 333 -25.47 -15.81 -27.98
N ALA B 334 -26.32 -15.81 -26.96
CA ALA B 334 -27.13 -16.99 -26.63
C ALA B 334 -28.06 -17.20 -27.81
N PRO B 335 -28.08 -18.40 -28.43
CA PRO B 335 -28.96 -18.66 -29.54
C PRO B 335 -30.45 -18.55 -29.19
N SER B 336 -31.25 -17.97 -30.09
CA SER B 336 -32.72 -17.92 -29.97
C SER B 336 -33.33 -19.30 -30.24
N ASN B 337 -34.56 -19.45 -29.82
CA ASN B 337 -35.40 -20.63 -30.18
C ASN B 337 -34.82 -21.94 -29.58
N GLN B 338 -34.23 -21.90 -28.39
CA GLN B 338 -33.68 -23.13 -27.79
C GLN B 338 -34.24 -23.36 -26.40
N LEU B 339 -34.03 -24.56 -25.92
CA LEU B 339 -34.28 -24.93 -24.53
C LEU B 339 -33.26 -24.20 -23.64
N SER B 340 -33.40 -24.42 -22.34
CA SER B 340 -32.49 -23.84 -21.33
C SER B 340 -31.04 -24.28 -21.60
N VAL B 341 -30.12 -23.39 -21.23
CA VAL B 341 -28.67 -23.75 -21.21
C VAL B 341 -28.28 -24.21 -19.81
N GLN B 342 -27.27 -25.07 -19.78
CA GLN B 342 -26.69 -25.61 -18.53
C GLN B 342 -25.27 -25.08 -18.32
N SER B 343 -24.75 -24.35 -19.29
N SER B 343 -24.77 -24.35 -19.32
CA SER B 343 -23.43 -23.69 -19.17
CA SER B 343 -23.38 -23.84 -19.39
C SER B 343 -23.48 -22.48 -20.09
C SER B 343 -23.43 -22.53 -20.18
N VAL B 344 -22.58 -21.57 -19.82
CA VAL B 344 -22.52 -20.25 -20.44
C VAL B 344 -21.13 -20.09 -21.05
N PRO B 345 -20.99 -20.41 -22.35
CA PRO B 345 -19.72 -20.22 -23.00
C PRO B 345 -19.29 -18.76 -23.02
N ILE B 346 -17.98 -18.53 -23.14
CA ILE B 346 -17.50 -17.15 -23.46
C ILE B 346 -17.39 -17.00 -24.98
N GLY B 347 -17.65 -18.04 -25.77
CA GLY B 347 -17.93 -17.86 -27.20
C GLY B 347 -16.71 -17.96 -28.10
N LYS B 348 -16.65 -17.07 -29.06
CA LYS B 348 -15.61 -17.14 -30.12
C LYS B 348 -14.85 -15.83 -30.16
N PRO B 349 -13.59 -15.84 -30.62
CA PRO B 349 -12.82 -14.63 -30.75
C PRO B 349 -13.55 -13.59 -31.61
N ILE B 350 -13.41 -12.35 -31.22
CA ILE B 350 -13.90 -11.25 -32.10
C ILE B 350 -12.88 -10.99 -33.20
N GLN B 351 -13.33 -10.20 -34.15
CA GLN B 351 -12.52 -9.91 -35.36
C GLN B 351 -11.15 -9.42 -34.94
N ASN B 352 -10.15 -9.93 -35.65
CA ASN B 352 -8.75 -9.48 -35.55
C ASN B 352 -8.16 -9.84 -34.19
N THR B 353 -8.76 -10.77 -33.47
CA THR B 353 -8.28 -11.26 -32.18
C THR B 353 -8.01 -12.75 -32.36
N HIS B 354 -6.92 -13.23 -31.83
CA HIS B 354 -6.63 -14.68 -31.88
C HIS B 354 -6.56 -15.28 -30.47
N ILE B 355 -7.16 -16.46 -30.30
CA ILE B 355 -7.19 -17.13 -28.99
C ILE B 355 -6.42 -18.41 -29.21
N TYR B 356 -5.51 -18.66 -28.28
CA TYR B 356 -4.76 -19.93 -28.20
C TYR B 356 -5.05 -20.53 -26.83
N ILE B 357 -5.47 -21.78 -26.81
CA ILE B 357 -5.59 -22.56 -25.55
C ILE B 357 -4.43 -23.55 -25.50
N VAL B 358 -3.54 -23.38 -24.54
CA VAL B 358 -2.23 -24.10 -24.55
C VAL B 358 -1.94 -24.78 -23.22
N ASN B 359 -1.09 -25.81 -23.30
CA ASN B 359 -0.54 -26.39 -22.07
C ASN B 359 0.65 -25.56 -21.58
N GLU B 360 1.32 -26.09 -20.58
CA GLU B 360 2.36 -25.33 -19.90
C GLU B 360 3.57 -25.14 -20.85
N ASP B 361 3.71 -25.97 -21.89
CA ASP B 361 4.77 -25.92 -22.92
C ASP B 361 4.30 -25.06 -24.13
N LEU B 362 3.17 -24.34 -24.05
CA LEU B 362 2.68 -23.45 -25.13
C LEU B 362 2.35 -24.28 -26.38
N GLN B 363 1.94 -25.53 -26.19
CA GLN B 363 1.41 -26.38 -27.27
C GLN B 363 -0.13 -26.26 -27.31
N LEU B 364 -0.66 -26.13 -28.53
CA LEU B 364 -2.11 -25.94 -28.76
C LEU B 364 -2.87 -27.20 -28.41
N LEU B 365 -4.03 -27.02 -27.78
CA LEU B 365 -4.85 -28.17 -27.30
C LEU B 365 -6.05 -28.37 -28.19
N PRO B 366 -6.42 -29.64 -28.42
CA PRO B 366 -7.59 -29.98 -29.20
C PRO B 366 -8.87 -29.72 -28.41
N THR B 367 -9.99 -29.89 -29.09
CA THR B 367 -11.28 -29.69 -28.42
C THR B 367 -11.35 -30.63 -27.23
N GLY B 368 -11.90 -30.10 -26.13
CA GLY B 368 -12.13 -30.92 -24.95
C GLY B 368 -11.04 -30.83 -23.92
N SER B 369 -9.90 -30.28 -24.30
CA SER B 369 -8.70 -30.26 -23.42
C SER B 369 -8.49 -28.87 -22.81
N GLU B 370 -8.40 -28.82 -21.47
N GLU B 370 -8.35 -28.85 -21.48
CA GLU B 370 -8.32 -27.53 -20.74
CA GLU B 370 -8.25 -27.64 -20.64
C GLU B 370 -6.87 -27.07 -20.71
C GLU B 370 -6.83 -27.08 -20.73
N GLY B 371 -6.70 -25.78 -20.89
CA GLY B 371 -5.40 -25.12 -20.78
C GLY B 371 -5.53 -23.65 -20.53
N GLU B 372 -4.42 -22.94 -20.66
CA GLU B 372 -4.40 -21.49 -20.41
C GLU B 372 -4.83 -20.77 -21.69
N LEU B 373 -5.76 -19.82 -21.54
CA LEU B 373 -6.23 -18.96 -22.64
C LEU B 373 -5.15 -17.88 -22.82
N CYS B 374 -4.59 -17.78 -24.02
CA CYS B 374 -3.63 -16.75 -24.41
C CYS B 374 -4.27 -15.97 -25.56
N ILE B 375 -4.04 -14.65 -25.57
CA ILE B 375 -4.75 -13.76 -26.52
C ILE B 375 -3.73 -12.96 -27.30
N GLY B 376 -3.89 -12.96 -28.62
CA GLY B 376 -3.14 -12.10 -29.54
C GLY B 376 -4.04 -11.20 -30.36
N GLY B 377 -3.43 -10.31 -31.12
CA GLY B 377 -4.17 -9.52 -32.09
C GLY B 377 -4.18 -8.04 -31.79
N VAL B 378 -5.07 -7.34 -32.47
N VAL B 378 -5.10 -7.38 -32.45
CA VAL B 378 -5.00 -5.85 -32.54
CA VAL B 378 -5.13 -5.90 -32.58
C VAL B 378 -5.35 -5.22 -31.19
C VAL B 378 -5.39 -5.24 -31.23
N GLY B 379 -6.05 -5.92 -30.31
CA GLY B 379 -6.48 -5.30 -29.05
C GLY B 379 -5.40 -5.36 -27.96
N LEU B 380 -4.30 -6.04 -28.23
N LEU B 380 -4.30 -6.06 -28.21
CA LEU B 380 -3.29 -6.29 -27.18
CA LEU B 380 -3.27 -6.24 -27.16
C LEU B 380 -2.63 -4.96 -26.74
C LEU B 380 -2.72 -4.88 -26.73
N ALA B 381 -2.55 -4.74 -25.43
CA ALA B 381 -1.86 -3.58 -24.85
C ALA B 381 -0.39 -3.62 -25.25
N ARG B 382 0.23 -2.45 -25.12
CA ARG B 382 1.68 -2.29 -25.35
C ARG B 382 2.42 -3.02 -24.23
N GLY B 383 1.85 -3.01 -23.05
CA GLY B 383 2.50 -3.57 -21.85
C GLY B 383 2.06 -2.84 -20.60
N TYR B 384 2.82 -2.97 -19.55
CA TYR B 384 2.58 -2.29 -18.28
C TYR B 384 3.58 -1.15 -18.15
N TRP B 385 3.08 0.03 -17.82
CA TRP B 385 3.90 1.28 -17.69
C TRP B 385 5.06 1.12 -16.70
N ASN B 386 6.31 1.28 -17.20
CA ASN B 386 7.57 1.19 -16.40
C ASN B 386 7.65 -0.13 -15.61
N ARG B 387 7.11 -1.22 -16.15
CA ARG B 387 7.22 -2.57 -15.50
C ARG B 387 7.76 -3.55 -16.55
N PRO B 388 9.03 -3.41 -16.95
CA PRO B 388 9.55 -4.17 -18.09
C PRO B 388 9.53 -5.68 -17.82
N ASP B 389 9.85 -6.12 -16.60
CA ASP B 389 9.92 -7.58 -16.32
C ASP B 389 8.52 -8.18 -16.27
N LEU B 390 7.58 -7.52 -15.61
CA LEU B 390 6.21 -8.08 -15.57
C LEU B 390 5.67 -8.07 -17.01
N THR B 391 5.94 -7.01 -17.75
CA THR B 391 5.52 -6.93 -19.19
C THR B 391 6.10 -8.14 -19.94
N ALA B 392 7.38 -8.46 -19.80
CA ALA B 392 7.97 -9.61 -20.50
C ALA B 392 7.39 -10.94 -20.01
N GLU B 393 6.98 -11.05 -18.75
CA GLU B 393 6.38 -12.28 -18.17
C GLU B 393 5.00 -12.56 -18.76
N LYS B 394 4.20 -11.51 -18.95
CA LYS B 394 2.77 -11.63 -19.29
C LYS B 394 2.52 -11.43 -20.79
N PHE B 395 3.26 -10.57 -21.44
CA PHE B 395 3.17 -10.30 -22.90
C PHE B 395 4.38 -11.00 -23.54
N VAL B 396 4.17 -12.25 -23.87
CA VAL B 396 5.26 -13.18 -24.27
C VAL B 396 5.27 -13.23 -25.79
N ASP B 397 6.35 -13.75 -26.36
CA ASP B 397 6.40 -13.95 -27.81
C ASP B 397 5.28 -14.94 -28.19
N ASN B 398 4.60 -14.61 -29.25
CA ASN B 398 3.56 -15.47 -29.80
C ASN B 398 4.26 -16.48 -30.70
N PRO B 399 4.38 -17.78 -30.30
CA PRO B 399 5.17 -18.72 -31.09
C PRO B 399 4.43 -19.13 -32.36
N PHE B 400 3.15 -18.81 -32.47
CA PHE B 400 2.30 -19.21 -33.61
C PHE B 400 2.35 -18.14 -34.70
N VAL B 401 2.70 -16.91 -34.33
CA VAL B 401 2.77 -15.76 -35.25
C VAL B 401 4.07 -15.04 -34.98
N PRO B 402 5.15 -15.50 -35.63
CA PRO B 402 6.46 -14.94 -35.39
C PRO B 402 6.45 -13.41 -35.50
N GLY B 403 7.08 -12.76 -34.52
CA GLY B 403 7.21 -11.28 -34.47
C GLY B 403 6.12 -10.62 -33.65
N GLU B 404 5.07 -11.33 -33.28
CA GLU B 404 3.98 -10.78 -32.45
C GLU B 404 4.13 -11.24 -31.00
N LYS B 405 3.32 -10.63 -30.17
CA LYS B 405 3.19 -10.99 -28.73
C LYS B 405 1.81 -11.59 -28.48
N MET B 406 1.68 -12.25 -27.36
CA MET B 406 0.36 -12.71 -26.88
C MET B 406 0.35 -12.60 -25.37
N TYR B 407 -0.83 -12.34 -24.82
CA TYR B 407 -1.03 -12.16 -23.38
C TYR B 407 -1.45 -13.47 -22.74
N ARG B 408 -0.68 -13.89 -21.72
CA ARG B 408 -1.00 -15.08 -20.91
C ARG B 408 -2.05 -14.65 -19.85
N THR B 409 -3.31 -15.05 -20.03
CA THR B 409 -4.42 -14.53 -19.19
C THR B 409 -4.37 -15.06 -17.77
N GLY B 410 -3.81 -16.25 -17.54
CA GLY B 410 -4.02 -16.96 -16.26
C GLY B 410 -5.43 -17.54 -16.10
N ASP B 411 -6.25 -17.47 -17.15
CA ASP B 411 -7.58 -18.10 -17.16
C ASP B 411 -7.46 -19.52 -17.78
N LEU B 412 -8.17 -20.46 -17.18
CA LEU B 412 -8.33 -21.84 -17.67
C LEU B 412 -9.54 -21.90 -18.61
N ALA B 413 -9.39 -22.61 -19.73
CA ALA B 413 -10.51 -22.72 -20.68
C ALA B 413 -10.35 -23.98 -21.52
N LYS B 414 -11.38 -24.31 -22.31
CA LYS B 414 -11.24 -25.35 -23.35
C LYS B 414 -12.11 -24.98 -24.53
N TRP B 415 -11.68 -25.46 -25.70
CA TRP B 415 -12.53 -25.42 -26.92
C TRP B 415 -13.61 -26.49 -26.80
N LEU B 416 -14.82 -26.14 -27.20
CA LEU B 416 -15.89 -27.11 -27.44
C LEU B 416 -15.91 -27.51 -28.92
N THR B 417 -16.52 -28.66 -29.20
N THR B 417 -16.51 -28.64 -29.27
CA THR B 417 -16.62 -29.24 -30.57
CA THR B 417 -16.45 -29.14 -30.68
C THR B 417 -17.19 -28.16 -31.50
C THR B 417 -17.38 -28.31 -31.57
N ASP B 418 -18.18 -27.41 -31.00
CA ASP B 418 -18.91 -26.42 -31.81
C ASP B 418 -18.07 -25.19 -32.10
N GLY B 419 -16.83 -25.11 -31.61
CA GLY B 419 -15.96 -23.94 -31.92
C GLY B 419 -16.14 -22.78 -30.95
N THR B 420 -16.90 -22.94 -29.90
CA THR B 420 -16.98 -21.94 -28.83
C THR B 420 -16.03 -22.32 -27.72
N ILE B 421 -15.78 -21.39 -26.81
CA ILE B 421 -14.83 -21.60 -25.70
C ILE B 421 -15.62 -21.61 -24.39
N GLU B 422 -15.28 -22.55 -23.53
CA GLU B 422 -15.82 -22.64 -22.15
C GLU B 422 -14.76 -22.12 -21.18
N PHE B 423 -15.14 -21.16 -20.36
CA PHE B 423 -14.30 -20.57 -19.31
C PHE B 423 -14.38 -21.45 -18.06
N LEU B 424 -13.23 -21.80 -17.51
CA LEU B 424 -13.15 -22.80 -16.41
C LEU B 424 -12.51 -22.21 -15.17
N GLY B 425 -12.32 -20.89 -15.10
CA GLY B 425 -11.78 -20.27 -13.86
C GLY B 425 -10.33 -19.89 -14.03
N ARG B 426 -9.57 -19.90 -12.96
CA ARG B 426 -8.15 -19.46 -12.97
C ARG B 426 -7.25 -20.70 -12.98
N ILE B 427 -6.16 -20.67 -13.77
CA ILE B 427 -5.14 -21.76 -13.80
C ILE B 427 -4.47 -21.72 -12.42
#